data_3QCV
#
_entry.id   3QCV
#
_cell.length_a   86.980
_cell.length_b   183.131
_cell.length_c   127.498
_cell.angle_alpha   90.00
_cell.angle_beta   90.00
_cell.angle_gamma   90.00
#
_symmetry.space_group_name_H-M   'C 2 2 21'
#
loop_
_entity.id
_entity.type
_entity.pdbx_description
1 polymer 'LT3015 antibody Fab fragment, heavy chain'
2 polymer 'LT3015 antibody Fab fragment, light chain'
3 non-polymer '(2R)-2-hydroxy-3-(phosphonooxy)propyl (9Z,12Z)-octadeca-9,12-dienoate'
4 water water
#
loop_
_entity_poly.entity_id
_entity_poly.type
_entity_poly.pdbx_seq_one_letter_code
_entity_poly.pdbx_strand_id
1 'polypeptide(L)'
;EVQLVQSGAEVKKPGESLKISCQAFGYGFINYLIEWIRQMPGQGLEWIGLINPGSDYTNYNENFKGQATLSADKSSSTAY
LQWSSLKASDTAMYFCARRFGYYGSGNYFDYWGQGTMVTVSSASTKGPSVFPLAPSSKSTSGGTAALGCLVKDYFPEPVT
VSWNSGALTSGVHTFPAVLQSSGLYSLSSVVTVPSSSLGTQTYICNVNHKPSNTKVDKRVEPK
;
H,I
2 'polypeptide(L)'
;DVVMTQTPLSLPVTPGEPASISCTSGQSLVHINGNTYLHWYLQKPGQSPKLLIYKVSNLFSGVPDRFSGSGSGTDFTLKI
SRVEAEDVGVYFCSQSTHFPFTFGQGTKLEIKRTVAAPSVFIFPPSDEQLKSGTASVVCLLNNFYPREAKVQWKVDNALQ
SGNSQESVTEQDSKDSTYSLSSTLTLSKADYEKHKVYACEVTHQGLSSPVTKSFNRGE
;
L,M
#
loop_
_chem_comp.id
_chem_comp.type
_chem_comp.name
_chem_comp.formula
18L non-polymer '(2R)-2-hydroxy-3-(phosphonooxy)propyl (9Z,12Z)-octadeca-9,12-dienoate' 'C21 H39 O7 P'
#
# COMPACT_ATOMS: atom_id res chain seq x y z
N GLU A 1 4.26 -2.17 16.03
CA GLU A 1 4.53 -2.85 14.72
C GLU A 1 5.65 -3.89 14.86
N VAL A 2 5.47 -5.03 14.22
CA VAL A 2 6.54 -6.01 14.03
C VAL A 2 6.78 -6.15 12.52
N GLN A 3 8.02 -6.41 12.13
CA GLN A 3 8.38 -6.45 10.72
C GLN A 3 9.35 -7.59 10.46
N LEU A 4 9.21 -8.21 9.31
CA LEU A 4 10.06 -9.31 8.92
C LEU A 4 10.79 -8.93 7.65
N VAL A 5 12.12 -9.00 7.70
CA VAL A 5 12.93 -8.64 6.54
C VAL A 5 13.72 -9.86 6.06
N GLN A 6 13.50 -10.22 4.80
CA GLN A 6 14.15 -11.38 4.21
C GLN A 6 15.36 -10.98 3.37
N SER A 7 16.30 -11.90 3.20
CA SER A 7 17.51 -11.63 2.40
C SER A 7 17.18 -11.51 0.91
N GLY A 8 18.16 -11.05 0.13
CA GLY A 8 17.98 -10.76 -1.29
C GLY A 8 17.75 -11.95 -2.21
N ALA A 9 17.28 -11.64 -3.41
CA ALA A 9 16.92 -12.64 -4.40
C ALA A 9 18.11 -13.51 -4.77
N GLU A 10 17.85 -14.81 -4.92
CA GLU A 10 18.86 -15.85 -5.12
C GLU A 10 18.76 -16.40 -6.53
N VAL A 11 19.90 -16.76 -7.12
CA VAL A 11 19.91 -17.47 -8.40
C VAL A 11 20.85 -18.66 -8.24
N LYS A 12 20.33 -19.87 -8.43
CA LYS A 12 21.11 -21.09 -8.20
C LYS A 12 20.98 -22.05 -9.36
N LYS A 13 21.88 -23.04 -9.39
CA LYS A 13 21.86 -24.10 -10.38
C LYS A 13 21.23 -25.35 -9.78
N PRO A 14 20.64 -26.21 -10.63
CA PRO A 14 20.09 -27.45 -10.11
C PRO A 14 21.16 -28.22 -9.34
N GLY A 15 20.77 -28.79 -8.20
CA GLY A 15 21.68 -29.58 -7.35
C GLY A 15 22.37 -28.79 -6.26
N GLU A 16 22.41 -27.47 -6.43
CA GLU A 16 22.99 -26.58 -5.44
C GLU A 16 22.09 -26.47 -4.21
N SER A 17 22.52 -25.66 -3.24
CA SER A 17 21.74 -25.46 -2.03
C SER A 17 21.66 -23.96 -1.70
N LEU A 18 20.58 -23.58 -1.03
CA LEU A 18 20.41 -22.20 -0.64
C LEU A 18 20.18 -22.08 0.85
N LYS A 19 20.37 -20.87 1.36
CA LYS A 19 20.05 -20.53 2.73
C LYS A 19 19.57 -19.08 2.77
N ILE A 20 18.27 -18.90 3.03
CA ILE A 20 17.67 -17.55 3.09
C ILE A 20 17.28 -17.15 4.51
N SER A 21 17.43 -15.86 4.84
CA SER A 21 17.16 -15.36 6.18
C SER A 21 15.88 -14.55 6.30
N CYS A 22 15.34 -14.54 7.51
CA CYS A 22 14.14 -13.82 7.84
C CYS A 22 14.37 -13.24 9.21
N GLN A 23 14.62 -11.94 9.24
CA GLN A 23 14.96 -11.22 10.44
C GLN A 23 13.75 -10.52 11.08
N ALA A 24 13.63 -10.64 12.40
CA ALA A 24 12.50 -10.10 13.13
C ALA A 24 12.84 -8.82 13.87
N PHE A 25 11.90 -7.88 13.87
CA PHE A 25 12.07 -6.67 14.64
C PHE A 25 10.91 -6.52 15.60
N GLY A 26 11.16 -6.94 16.84
CA GLY A 26 10.11 -6.99 17.84
C GLY A 26 10.67 -7.43 19.16
N TYR A 27 9.76 -7.64 20.11
CA TYR A 27 10.10 -8.12 21.42
C TYR A 27 9.61 -9.55 21.49
N GLY A 28 10.42 -10.43 22.06
CA GLY A 28 9.97 -11.80 22.32
C GLY A 28 9.97 -12.72 21.11
N PHE A 29 11.06 -12.65 20.33
CA PHE A 29 11.36 -13.60 19.27
C PHE A 29 11.15 -15.06 19.69
N ILE A 30 11.50 -15.40 20.93
CA ILE A 30 11.55 -16.79 21.32
C ILE A 30 10.17 -17.45 21.39
N ASN A 31 9.16 -16.62 21.58
CA ASN A 31 7.78 -17.07 21.53
C ASN A 31 7.10 -16.88 20.15
N TYR A 32 7.88 -16.53 19.13
CA TYR A 32 7.33 -16.49 17.76
C TYR A 32 7.06 -17.89 17.22
N LEU A 33 6.09 -17.96 16.33
CA LEU A 33 5.87 -19.12 15.50
C LEU A 33 6.03 -18.64 14.08
N ILE A 34 7.15 -19.01 13.48
CA ILE A 34 7.52 -18.50 12.17
C ILE A 34 7.25 -19.56 11.14
N GLU A 35 6.52 -19.16 10.10
CA GLU A 35 6.21 -20.07 9.02
C GLU A 35 6.92 -19.67 7.74
N TRP A 36 7.17 -20.67 6.92
CA TRP A 36 7.71 -20.47 5.59
C TRP A 36 6.73 -21.04 4.57
N ILE A 37 6.49 -20.24 3.53
CA ILE A 37 5.51 -20.55 2.52
C ILE A 37 6.06 -20.09 1.18
N ARG A 38 5.97 -20.94 0.16
CA ARG A 38 6.44 -20.54 -1.16
C ARG A 38 5.33 -20.46 -2.22
N GLN A 39 5.61 -19.66 -3.25
CA GLN A 39 4.68 -19.45 -4.35
C GLN A 39 5.34 -19.37 -5.71
N MET A 40 5.05 -20.36 -6.54
CA MET A 40 5.47 -20.33 -7.94
C MET A 40 4.60 -19.33 -8.67
N PRO A 41 5.17 -18.65 -9.68
CA PRO A 41 4.45 -17.53 -10.33
C PRO A 41 3.18 -18.01 -11.03
N GLY A 42 2.06 -17.33 -10.77
CA GLY A 42 0.75 -17.75 -11.27
C GLY A 42 0.07 -18.87 -10.47
N GLN A 43 0.82 -19.47 -9.56
CA GLN A 43 0.37 -20.65 -8.80
C GLN A 43 -0.11 -20.35 -7.38
N GLY A 44 -0.41 -21.42 -6.64
CA GLY A 44 -0.93 -21.33 -5.31
C GLY A 44 0.15 -21.31 -4.25
N LEU A 45 -0.28 -21.25 -3.00
CA LEU A 45 0.58 -21.20 -1.84
C LEU A 45 0.93 -22.61 -1.35
N GLU A 46 2.21 -22.85 -1.08
CA GLU A 46 2.65 -24.14 -0.58
C GLU A 46 3.28 -23.91 0.77
N TRP A 47 2.76 -24.61 1.78
CA TRP A 47 3.23 -24.50 3.14
C TRP A 47 4.43 -25.40 3.35
N ILE A 48 5.54 -24.83 3.80
CA ILE A 48 6.81 -25.55 3.98
C ILE A 48 6.98 -26.04 5.41
N GLY A 49 6.87 -25.11 6.36
CA GLY A 49 7.10 -25.46 7.75
C GLY A 49 6.83 -24.36 8.75
N LEU A 50 6.85 -24.75 10.03
CA LEU A 50 6.68 -23.81 11.13
C LEU A 50 7.80 -24.06 12.14
N ILE A 51 8.32 -22.98 12.73
CA ILE A 51 9.35 -23.11 13.77
C ILE A 51 9.08 -22.21 14.97
N ASN A 52 9.35 -22.75 16.16
CA ASN A 52 9.29 -22.02 17.43
C ASN A 52 10.70 -21.85 17.95
N PRO A 53 11.32 -20.68 17.72
CA PRO A 53 12.73 -20.47 18.06
C PRO A 53 13.08 -20.73 19.53
N GLY A 54 12.12 -20.56 20.42
CA GLY A 54 12.35 -20.78 21.85
C GLY A 54 12.31 -22.22 22.33
N SER A 55 12.10 -23.17 21.43
CA SER A 55 12.09 -24.59 21.78
C SER A 55 12.70 -25.38 20.64
N ASP A 56 12.72 -26.70 20.76
CA ASP A 56 13.17 -27.53 19.63
C ASP A 56 12.15 -27.64 18.49
N TYR A 57 10.94 -27.10 18.69
CA TYR A 57 9.80 -27.41 17.82
C TYR A 57 9.88 -26.87 16.40
N THR A 58 9.84 -27.82 15.49
CA THR A 58 9.65 -27.57 14.08
C THR A 58 8.56 -28.52 13.60
N ASN A 59 7.76 -28.04 12.67
CA ASN A 59 6.86 -28.91 11.93
C ASN A 59 7.10 -28.69 10.46
N TYR A 60 7.25 -29.79 9.74
CA TYR A 60 7.61 -29.76 8.34
C TYR A 60 6.48 -30.31 7.47
N ASN A 61 6.37 -29.77 6.26
CA ASN A 61 5.64 -30.44 5.20
C ASN A 61 6.44 -31.68 4.81
N GLU A 62 5.83 -32.85 4.98
CA GLU A 62 6.45 -34.13 4.66
C GLU A 62 7.06 -34.15 3.24
N ASN A 63 6.38 -33.51 2.28
CA ASN A 63 6.91 -33.42 0.91
C ASN A 63 8.27 -32.71 0.78
N PHE A 64 8.68 -31.99 1.82
CA PHE A 64 9.94 -31.23 1.76
C PHE A 64 10.97 -31.61 2.81
N LYS A 65 10.61 -32.45 3.78
CA LYS A 65 11.61 -33.02 4.70
C LYS A 65 12.65 -33.68 3.81
N GLY A 66 13.92 -33.43 4.09
CA GLY A 66 14.97 -33.98 3.20
C GLY A 66 15.62 -32.91 2.35
N GLN A 67 14.84 -31.91 1.92
CA GLN A 67 15.38 -30.70 1.29
C GLN A 67 15.40 -29.51 2.25
N ALA A 68 14.33 -29.36 3.03
CA ALA A 68 14.16 -28.16 3.85
C ALA A 68 14.61 -28.32 5.32
N THR A 69 15.41 -27.37 5.77
CA THR A 69 15.81 -27.29 7.16
C THR A 69 15.42 -25.91 7.70
N LEU A 70 14.56 -25.90 8.72
CA LEU A 70 14.23 -24.65 9.42
C LEU A 70 15.17 -24.52 10.60
N SER A 71 15.57 -23.29 10.90
CA SER A 71 16.42 -23.02 12.08
C SER A 71 16.29 -21.56 12.48
N ALA A 72 16.86 -21.20 13.63
CA ALA A 72 16.78 -19.84 14.14
C ALA A 72 17.89 -19.51 15.13
N ASP A 73 18.46 -18.32 14.99
CA ASP A 73 19.42 -17.80 15.96
C ASP A 73 18.72 -16.82 16.90
N LYS A 74 18.49 -17.25 18.14
CA LYS A 74 17.89 -16.42 19.18
C LYS A 74 18.70 -15.16 19.54
N SER A 75 20.01 -15.17 19.29
CA SER A 75 20.81 -13.99 19.62
C SER A 75 20.56 -12.81 18.65
N SER A 76 20.19 -13.11 17.41
CA SER A 76 19.98 -12.07 16.41
C SER A 76 18.55 -11.95 15.91
N SER A 77 17.64 -12.74 16.49
CA SER A 77 16.23 -12.76 16.09
C SER A 77 16.06 -13.01 14.58
N THR A 78 16.84 -13.94 14.05
CA THR A 78 16.77 -14.29 12.63
C THR A 78 16.35 -15.73 12.50
N ALA A 79 15.40 -15.99 11.62
CA ALA A 79 15.04 -17.36 11.25
C ALA A 79 15.67 -17.68 9.91
N TYR A 80 15.90 -18.96 9.65
CA TYR A 80 16.54 -19.39 8.42
C TYR A 80 15.79 -20.51 7.70
N LEU A 81 15.88 -20.51 6.38
CA LEU A 81 15.44 -21.64 5.56
C LEU A 81 16.60 -22.17 4.72
N GLN A 82 16.96 -23.42 4.94
CA GLN A 82 17.93 -24.11 4.08
C GLN A 82 17.17 -25.07 3.17
N TRP A 83 17.66 -25.19 1.93
CA TRP A 83 17.07 -26.07 0.93
C TRP A 83 18.21 -26.71 0.16
N SER A 84 18.29 -28.04 0.19
CA SER A 84 19.36 -28.77 -0.51
C SER A 84 18.85 -29.36 -1.82
N SER A 85 19.76 -29.77 -2.70
CA SER A 85 19.38 -30.37 -3.98
C SER A 85 18.25 -29.63 -4.69
N LEU A 86 18.43 -28.32 -4.92
CA LEU A 86 17.46 -27.51 -5.61
C LEU A 86 17.10 -28.09 -6.98
N LYS A 87 15.82 -28.02 -7.33
CA LYS A 87 15.37 -28.40 -8.67
C LYS A 87 14.77 -27.19 -9.33
N ALA A 88 14.75 -27.19 -10.66
CA ALA A 88 14.23 -26.05 -11.42
C ALA A 88 12.82 -25.72 -10.97
N SER A 89 12.07 -26.76 -10.61
CA SER A 89 10.71 -26.63 -10.18
C SER A 89 10.59 -26.04 -8.77
N ASP A 90 11.73 -25.79 -8.12
CA ASP A 90 11.78 -25.09 -6.83
C ASP A 90 11.83 -23.57 -7.00
N THR A 91 11.87 -23.13 -8.26
CA THR A 91 11.80 -21.70 -8.57
C THR A 91 10.49 -21.14 -8.00
N ALA A 92 10.60 -20.17 -7.11
CA ALA A 92 9.41 -19.61 -6.44
C ALA A 92 9.73 -18.34 -5.65
N MET A 93 8.68 -17.62 -5.26
CA MET A 93 8.82 -16.56 -4.26
C MET A 93 8.67 -17.23 -2.91
N TYR A 94 9.64 -17.02 -2.03
CA TYR A 94 9.64 -17.65 -0.70
C TYR A 94 9.36 -16.61 0.38
N PHE A 95 8.30 -16.84 1.16
CA PHE A 95 7.90 -15.93 2.23
C PHE A 95 8.16 -16.53 3.60
N CYS A 96 8.58 -15.70 4.54
CA CYS A 96 8.44 -16.05 5.93
C CYS A 96 7.25 -15.26 6.46
N ALA A 97 6.62 -15.79 7.51
CA ALA A 97 5.45 -15.13 8.03
C ALA A 97 5.21 -15.42 9.51
N ARG A 98 4.63 -14.45 10.20
CA ARG A 98 4.15 -14.68 11.56
C ARG A 98 2.65 -14.44 11.58
N ARG A 99 1.90 -15.52 11.72
CA ARG A 99 0.45 -15.53 11.61
C ARG A 99 -0.26 -15.89 12.92
N PHE A 100 0.31 -16.80 13.70
CA PHE A 100 -0.34 -17.31 14.91
C PHE A 100 0.51 -17.19 16.17
N GLY A 101 -0.12 -17.41 17.32
CA GLY A 101 0.58 -17.68 18.57
C GLY A 101 0.15 -19.09 18.93
N TYR A 102 0.52 -19.56 20.12
CA TYR A 102 0.04 -20.85 20.62
C TYR A 102 -1.49 -20.92 20.54
N TYR A 103 -2.00 -22.13 20.37
CA TYR A 103 -3.43 -22.37 20.39
C TYR A 103 -3.99 -21.88 21.71
N GLY A 104 -5.14 -21.24 21.68
CA GLY A 104 -5.73 -20.71 22.90
C GLY A 104 -5.27 -19.32 23.31
N SER A 105 -4.34 -18.72 22.57
CA SER A 105 -3.77 -17.44 22.97
C SER A 105 -4.60 -16.24 22.56
N GLY A 106 -5.56 -16.44 21.66
CA GLY A 106 -6.32 -15.34 21.05
C GLY A 106 -5.53 -14.54 20.03
N ASN A 107 -4.28 -14.92 19.78
CA ASN A 107 -3.43 -14.14 18.89
C ASN A 107 -3.57 -14.44 17.38
N TYR A 108 -3.81 -13.37 16.64
CA TYR A 108 -3.80 -13.42 15.18
C TYR A 108 -3.02 -12.22 14.64
N PHE A 109 -1.96 -12.55 13.91
CA PHE A 109 -1.06 -11.58 13.30
C PHE A 109 -1.12 -11.74 11.78
N ASP A 110 -0.57 -10.76 11.09
CA ASP A 110 -0.48 -10.84 9.64
C ASP A 110 0.84 -10.25 9.18
N TYR A 111 1.94 -10.76 9.75
CA TYR A 111 3.27 -10.27 9.41
C TYR A 111 3.89 -11.16 8.36
N TRP A 112 4.24 -10.56 7.23
CA TRP A 112 4.86 -11.28 6.12
C TRP A 112 6.13 -10.55 5.77
N GLY A 113 7.16 -11.29 5.41
CA GLY A 113 8.33 -10.66 4.85
C GLY A 113 7.99 -10.21 3.45
N GLN A 114 8.95 -9.57 2.79
CA GLN A 114 8.72 -9.04 1.47
C GLN A 114 8.93 -10.15 0.43
N GLY A 115 9.30 -11.35 0.89
CA GLY A 115 9.55 -12.47 0.01
C GLY A 115 10.94 -12.50 -0.59
N THR A 116 11.50 -13.69 -0.74
CA THR A 116 12.80 -13.84 -1.39
C THR A 116 12.62 -14.65 -2.68
N MET A 117 12.85 -14.01 -3.83
CA MET A 117 12.72 -14.70 -5.11
C MET A 117 13.87 -15.67 -5.34
N VAL A 118 13.54 -16.95 -5.48
CA VAL A 118 14.53 -17.96 -5.80
C VAL A 118 14.33 -18.46 -7.23
N THR A 119 15.36 -18.32 -8.05
CA THR A 119 15.38 -18.85 -9.42
C THR A 119 16.43 -19.98 -9.49
N VAL A 120 15.94 -21.19 -9.71
CA VAL A 120 16.80 -22.34 -9.92
C VAL A 120 16.82 -22.64 -11.41
N SER A 121 18.00 -22.51 -12.02
CA SER A 121 18.17 -22.79 -13.44
C SER A 121 19.60 -23.08 -13.82
N SER A 122 19.76 -23.84 -14.89
CA SER A 122 21.08 -24.20 -15.43
C SER A 122 21.69 -23.10 -16.29
N ALA A 123 21.05 -21.94 -16.32
CA ALA A 123 21.43 -20.87 -17.24
C ALA A 123 22.35 -19.84 -16.59
N SER A 124 22.91 -18.95 -17.41
CA SER A 124 23.90 -17.97 -16.95
C SER A 124 23.44 -16.56 -17.24
N THR A 125 23.87 -15.63 -16.38
CA THR A 125 23.50 -14.22 -16.50
C THR A 125 23.80 -13.70 -17.91
N LYS A 126 22.78 -13.10 -18.53
CA LYS A 126 22.84 -12.64 -19.91
C LYS A 126 21.92 -11.43 -20.08
N GLY A 127 22.44 -10.39 -20.71
CA GLY A 127 21.63 -9.20 -21.01
C GLY A 127 20.77 -9.46 -22.24
N PRO A 128 19.65 -8.73 -22.35
CA PRO A 128 18.71 -8.94 -23.45
C PRO A 128 19.18 -8.36 -24.76
N SER A 129 18.57 -8.79 -25.86
CA SER A 129 18.64 -8.04 -27.11
C SER A 129 17.31 -7.28 -27.26
N VAL A 130 17.38 -6.05 -27.78
CA VAL A 130 16.19 -5.22 -27.88
C VAL A 130 15.87 -4.91 -29.35
N PHE A 131 14.74 -5.44 -29.82
CA PHE A 131 14.30 -5.29 -31.20
C PHE A 131 12.98 -4.53 -31.26
N PRO A 132 12.79 -3.65 -32.27
CA PRO A 132 11.58 -2.84 -32.37
C PRO A 132 10.39 -3.52 -33.02
N LEU A 133 9.21 -3.27 -32.46
CA LEU A 133 7.96 -3.65 -33.09
C LEU A 133 7.40 -2.36 -33.69
N ALA A 134 7.67 -2.17 -34.98
CA ALA A 134 7.42 -0.91 -35.68
C ALA A 134 5.97 -0.76 -36.12
N PRO A 135 5.43 0.47 -36.08
CA PRO A 135 4.04 0.69 -36.45
C PRO A 135 3.88 0.79 -37.95
N SER A 136 2.64 0.70 -38.44
CA SER A 136 2.32 0.89 -39.86
C SER A 136 0.83 1.15 -40.09
N SER A 137 0.34 0.75 -41.27
CA SER A 137 -1.03 1.01 -41.73
C SER A 137 -1.98 -0.19 -41.54
N GLY A 142 -5.81 8.88 -39.88
CA GLY A 142 -5.75 9.49 -38.56
C GLY A 142 -6.58 8.75 -37.51
N GLY A 143 -6.25 7.48 -37.27
CA GLY A 143 -6.84 6.66 -36.19
C GLY A 143 -5.79 6.34 -35.14
N THR A 144 -5.73 5.08 -34.70
CA THR A 144 -4.73 4.68 -33.71
C THR A 144 -3.79 3.57 -34.18
N ALA A 145 -2.51 3.76 -33.87
CA ALA A 145 -1.43 2.86 -34.27
C ALA A 145 -0.82 2.18 -33.04
N ALA A 146 -0.19 1.03 -33.25
CA ALA A 146 0.47 0.32 -32.16
C ALA A 146 1.91 0.12 -32.51
N LEU A 147 2.78 0.18 -31.50
CA LEU A 147 4.21 -0.07 -31.65
C LEU A 147 4.79 -0.61 -30.34
N GLY A 148 6.01 -1.14 -30.39
CA GLY A 148 6.62 -1.75 -29.22
C GLY A 148 8.09 -2.09 -29.32
N CYS A 149 8.59 -2.78 -28.30
CA CYS A 149 9.93 -3.35 -28.31
C CYS A 149 9.84 -4.80 -27.88
N LEU A 150 10.68 -5.63 -28.48
CA LEU A 150 10.82 -7.00 -28.08
C LEU A 150 12.09 -7.12 -27.26
N VAL A 151 11.94 -7.66 -26.06
CA VAL A 151 13.05 -7.80 -25.13
C VAL A 151 13.32 -9.29 -24.99
N LYS A 152 14.39 -9.74 -25.65
CA LYS A 152 14.61 -11.15 -25.91
C LYS A 152 15.88 -11.73 -25.30
N ASP A 153 15.79 -12.97 -24.84
CA ASP A 153 16.96 -13.76 -24.47
C ASP A 153 17.76 -13.13 -23.34
N TYR A 154 17.12 -12.89 -22.20
CA TYR A 154 17.84 -12.42 -21.02
C TYR A 154 17.65 -13.38 -19.86
N PHE A 155 18.54 -13.25 -18.88
CA PHE A 155 18.50 -14.06 -17.67
C PHE A 155 19.36 -13.38 -16.59
N PRO A 156 18.88 -13.39 -15.34
CA PRO A 156 17.56 -13.84 -14.90
C PRO A 156 16.56 -12.68 -14.89
N GLU A 157 15.37 -12.90 -14.34
CA GLU A 157 14.41 -11.82 -14.09
C GLU A 157 14.98 -10.90 -12.99
N PRO A 158 14.53 -9.63 -12.92
CA PRO A 158 13.60 -8.94 -13.81
C PRO A 158 14.29 -8.07 -14.86
N VAL A 159 13.47 -7.43 -15.67
CA VAL A 159 13.89 -6.35 -16.54
C VAL A 159 12.88 -5.22 -16.29
N THR A 160 13.29 -3.98 -16.50
CA THR A 160 12.34 -2.86 -16.44
C THR A 160 12.27 -2.16 -17.79
N VAL A 161 11.08 -1.68 -18.17
CA VAL A 161 10.86 -1.04 -19.46
C VAL A 161 10.07 0.25 -19.30
N SER A 162 10.59 1.34 -19.85
CA SER A 162 9.82 2.57 -19.88
C SER A 162 9.84 3.11 -21.29
N TRP A 163 8.98 4.08 -21.55
CA TRP A 163 8.87 4.75 -22.83
C TRP A 163 9.17 6.24 -22.69
N ASN A 164 10.08 6.74 -23.54
CA ASN A 164 10.51 8.14 -23.52
C ASN A 164 10.96 8.52 -22.11
N SER A 165 11.82 7.69 -21.54
CA SER A 165 12.39 7.93 -20.20
C SER A 165 11.34 8.13 -19.10
N GLY A 166 10.21 7.44 -19.23
CA GLY A 166 9.15 7.44 -18.23
C GLY A 166 8.08 8.48 -18.48
N ALA A 167 8.24 9.27 -19.55
CA ALA A 167 7.31 10.37 -19.86
C ALA A 167 6.04 9.88 -20.56
N LEU A 168 6.03 8.60 -20.92
CA LEU A 168 4.86 7.99 -21.56
C LEU A 168 4.41 6.73 -20.81
N THR A 169 3.16 6.71 -20.36
CA THR A 169 2.64 5.56 -19.62
C THR A 169 1.23 5.15 -20.07
N SER A 170 0.46 6.13 -20.56
CA SER A 170 -0.89 5.88 -21.09
C SER A 170 -0.83 5.02 -22.34
N GLY A 171 -1.70 4.02 -22.40
CA GLY A 171 -1.67 3.07 -23.52
C GLY A 171 -0.53 2.07 -23.54
N VAL A 172 0.36 2.10 -22.54
CA VAL A 172 1.48 1.14 -22.44
C VAL A 172 1.04 -0.19 -21.82
N HIS A 173 1.47 -1.29 -22.44
CA HIS A 173 1.29 -2.62 -21.87
C HIS A 173 2.64 -3.34 -21.94
N THR A 174 3.20 -3.61 -20.78
CA THR A 174 4.43 -4.36 -20.69
C THR A 174 4.10 -5.76 -20.15
N PHE A 175 4.18 -6.73 -21.04
CA PHE A 175 3.71 -8.07 -20.79
C PHE A 175 4.58 -8.84 -19.81
N PRO A 176 3.99 -9.76 -19.05
CA PRO A 176 4.85 -10.62 -18.24
C PRO A 176 5.77 -11.45 -19.15
N ALA A 177 6.97 -11.74 -18.67
CA ALA A 177 7.94 -12.54 -19.41
C ALA A 177 7.48 -13.98 -19.59
N VAL A 178 7.95 -14.63 -20.65
CA VAL A 178 7.80 -16.08 -20.81
C VAL A 178 9.18 -16.77 -20.88
N LEU A 179 9.31 -17.90 -20.21
CA LEU A 179 10.56 -18.63 -20.20
C LEU A 179 10.62 -19.48 -21.45
N GLN A 180 11.66 -19.28 -22.25
CA GLN A 180 11.82 -20.06 -23.48
C GLN A 180 12.57 -21.36 -23.16
N SER A 181 12.47 -22.35 -24.04
CA SER A 181 13.21 -23.61 -23.88
C SER A 181 14.74 -23.43 -23.79
N SER A 182 15.25 -22.31 -24.30
CA SER A 182 16.67 -21.98 -24.17
C SER A 182 17.10 -21.70 -22.72
N GLY A 183 16.11 -21.56 -21.83
CA GLY A 183 16.36 -21.15 -20.46
C GLY A 183 16.42 -19.64 -20.33
N LEU A 184 16.18 -18.93 -21.41
CA LEU A 184 16.18 -17.48 -21.38
C LEU A 184 14.76 -16.94 -21.41
N TYR A 185 14.60 -15.71 -20.92
CA TYR A 185 13.31 -15.04 -20.83
C TYR A 185 13.09 -14.11 -22.00
N SER A 186 11.83 -13.80 -22.25
CA SER A 186 11.45 -12.98 -23.38
C SER A 186 10.14 -12.28 -23.10
N LEU A 187 10.10 -10.96 -23.28
CA LEU A 187 8.85 -10.22 -23.15
C LEU A 187 8.78 -9.12 -24.19
N SER A 188 7.56 -8.66 -24.44
CA SER A 188 7.31 -7.51 -25.27
C SER A 188 6.79 -6.36 -24.44
N SER A 189 7.09 -5.14 -24.88
CA SER A 189 6.41 -3.98 -24.34
C SER A 189 5.83 -3.19 -25.49
N VAL A 190 4.54 -2.92 -25.41
CA VAL A 190 3.83 -2.24 -26.49
C VAL A 190 3.10 -0.99 -25.99
N VAL A 191 2.68 -0.16 -26.94
CA VAL A 191 1.97 1.10 -26.68
C VAL A 191 1.16 1.51 -27.90
N THR A 192 -0.07 1.96 -27.68
CA THR A 192 -0.92 2.46 -28.75
C THR A 192 -0.91 3.97 -28.72
N VAL A 193 -0.78 4.58 -29.89
CA VAL A 193 -0.74 6.03 -30.02
C VAL A 193 -1.55 6.47 -31.24
N PRO A 194 -1.96 7.76 -31.29
CA PRO A 194 -2.63 8.27 -32.50
C PRO A 194 -1.71 8.17 -33.71
N SER A 195 -2.24 7.69 -34.83
CA SER A 195 -1.41 7.49 -36.03
C SER A 195 -0.93 8.81 -36.64
N SER A 196 -1.67 9.89 -36.37
CA SER A 196 -1.27 11.22 -36.81
C SER A 196 0.04 11.70 -36.17
N SER A 197 0.38 11.19 -34.99
CA SER A 197 1.61 11.58 -34.28
C SER A 197 2.87 10.84 -34.74
N LEU A 198 2.70 9.82 -35.59
CA LEU A 198 3.83 8.98 -36.01
C LEU A 198 4.98 9.70 -36.70
N GLY A 199 4.70 10.86 -37.33
CA GLY A 199 5.75 11.66 -37.97
C GLY A 199 6.38 12.69 -37.04
N THR A 200 5.62 13.12 -36.02
CA THR A 200 6.08 14.12 -35.06
C THR A 200 6.83 13.56 -33.85
N GLN A 201 6.16 12.71 -33.07
CA GLN A 201 6.69 12.22 -31.78
C GLN A 201 7.71 11.11 -31.91
N THR A 202 8.84 11.28 -31.23
CA THR A 202 9.84 10.23 -31.16
C THR A 202 9.46 9.21 -30.08
N TYR A 203 9.64 7.93 -30.41
CA TYR A 203 9.32 6.85 -29.49
C TYR A 203 10.52 5.99 -29.21
N ILE A 204 10.93 5.97 -27.95
CA ILE A 204 12.10 5.23 -27.52
C ILE A 204 11.74 4.37 -26.33
N CYS A 205 12.15 3.10 -26.35
CA CYS A 205 11.96 2.28 -25.18
C CYS A 205 13.24 2.15 -24.39
N ASN A 206 13.13 2.24 -23.07
CA ASN A 206 14.29 2.19 -22.18
C ASN A 206 14.26 0.89 -21.41
N VAL A 207 15.12 -0.04 -21.82
CA VAL A 207 15.13 -1.36 -21.23
C VAL A 207 16.34 -1.48 -20.30
N ASN A 208 16.06 -1.85 -19.06
CA ASN A 208 17.09 -1.92 -18.02
C ASN A 208 17.09 -3.30 -17.36
N HIS A 209 18.19 -4.03 -17.54
CA HIS A 209 18.35 -5.36 -16.94
C HIS A 209 19.53 -5.28 -16.00
N LYS A 210 19.24 -4.93 -14.75
CA LYS A 210 20.25 -4.77 -13.71
C LYS A 210 21.20 -5.95 -13.53
N PRO A 211 20.67 -7.20 -13.45
CA PRO A 211 21.54 -8.35 -13.19
C PRO A 211 22.77 -8.44 -14.08
N SER A 212 22.73 -7.86 -15.27
CA SER A 212 23.85 -7.90 -16.20
C SER A 212 24.44 -6.52 -16.50
N ASN A 213 23.90 -5.48 -15.87
CA ASN A 213 24.26 -4.07 -16.15
C ASN A 213 24.00 -3.63 -17.59
N THR A 214 22.96 -4.19 -18.22
CA THR A 214 22.56 -3.77 -19.56
C THR A 214 21.56 -2.65 -19.39
N LYS A 215 21.76 -1.58 -20.16
CA LYS A 215 20.80 -0.49 -20.29
C LYS A 215 20.79 -0.09 -21.76
N VAL A 216 19.61 -0.15 -22.36
CA VAL A 216 19.46 0.05 -23.80
C VAL A 216 18.29 0.97 -24.05
N ASP A 217 18.48 1.87 -25.01
CA ASP A 217 17.38 2.66 -25.51
C ASP A 217 17.23 2.30 -26.98
N LYS A 218 16.05 1.80 -27.36
CA LYS A 218 15.82 1.48 -28.76
C LYS A 218 14.81 2.43 -29.34
N ARG A 219 15.19 3.08 -30.44
CA ARG A 219 14.28 3.97 -31.15
C ARG A 219 13.36 3.17 -32.06
N VAL A 220 12.07 3.44 -31.97
CA VAL A 220 11.06 2.68 -32.71
C VAL A 220 10.42 3.59 -33.76
N GLU A 221 10.86 3.43 -35.01
CA GLU A 221 10.38 4.28 -36.10
C GLU A 221 9.63 3.48 -37.18
N PRO A 222 8.63 4.13 -37.82
CA PRO A 222 7.82 3.58 -38.91
C PRO A 222 8.67 2.98 -40.02
N LYS A 223 8.13 1.95 -40.69
CA LYS A 223 8.79 1.30 -41.83
C LYS A 223 10.10 0.59 -41.39
N ASP B 1 -2.82 -35.11 4.42
CA ASP B 1 -2.88 -33.63 4.30
C ASP B 1 -4.31 -33.22 4.01
N VAL B 2 -4.85 -32.28 4.79
CA VAL B 2 -6.21 -31.80 4.55
C VAL B 2 -6.27 -30.94 3.28
N VAL B 3 -6.90 -31.52 2.27
CA VAL B 3 -7.10 -30.85 0.99
C VAL B 3 -8.23 -29.83 1.10
N MET B 4 -7.99 -28.65 0.54
CA MET B 4 -8.93 -27.55 0.60
C MET B 4 -9.33 -27.22 -0.83
N THR B 5 -10.63 -27.24 -1.11
CA THR B 5 -11.16 -27.06 -2.46
C THR B 5 -12.00 -25.79 -2.55
N GLN B 6 -11.55 -24.85 -3.38
CA GLN B 6 -12.25 -23.58 -3.57
C GLN B 6 -13.03 -23.53 -4.88
N THR B 7 -14.27 -23.07 -4.81
CA THR B 7 -15.07 -22.75 -5.99
C THR B 7 -15.79 -21.40 -5.81
N PRO B 8 -15.95 -20.64 -6.91
CA PRO B 8 -15.45 -20.93 -8.25
C PRO B 8 -13.96 -20.57 -8.37
N LEU B 9 -13.30 -21.03 -9.42
CA LEU B 9 -11.88 -20.73 -9.65
C LEU B 9 -11.73 -19.28 -10.05
N SER B 10 -12.78 -18.75 -10.67
CA SER B 10 -12.76 -17.44 -11.25
C SER B 10 -14.13 -16.80 -11.03
N LEU B 11 -14.15 -15.56 -10.52
CA LEU B 11 -15.42 -14.88 -10.24
C LEU B 11 -15.44 -13.43 -10.71
N PRO B 12 -16.00 -13.20 -11.91
CA PRO B 12 -16.22 -11.84 -12.37
C PRO B 12 -17.36 -11.23 -11.58
N VAL B 13 -17.13 -10.05 -11.06
CA VAL B 13 -18.13 -9.36 -10.26
C VAL B 13 -18.32 -7.94 -10.76
N THR B 14 -19.53 -7.43 -10.63
CA THR B 14 -19.84 -6.07 -11.01
C THR B 14 -19.93 -5.20 -9.75
N PRO B 15 -19.09 -4.16 -9.68
CA PRO B 15 -19.14 -3.32 -8.49
C PRO B 15 -20.59 -3.03 -8.11
N GLY B 16 -20.90 -3.26 -6.83
CA GLY B 16 -22.25 -3.11 -6.33
C GLY B 16 -22.92 -4.43 -6.01
N GLU B 17 -22.56 -5.49 -6.73
CA GLU B 17 -23.19 -6.79 -6.51
C GLU B 17 -22.54 -7.63 -5.37
N PRO B 18 -23.32 -8.54 -4.76
CA PRO B 18 -22.73 -9.38 -3.71
C PRO B 18 -21.96 -10.57 -4.29
N ALA B 19 -20.86 -10.95 -3.65
CA ALA B 19 -20.10 -12.10 -4.09
C ALA B 19 -20.01 -13.19 -3.02
N SER B 20 -19.69 -14.40 -3.46
CA SER B 20 -19.73 -15.58 -2.61
C SER B 20 -18.68 -16.59 -3.05
N ILE B 21 -17.75 -16.89 -2.14
CA ILE B 21 -16.65 -17.81 -2.40
C ILE B 21 -16.78 -18.96 -1.43
N SER B 22 -16.63 -20.16 -1.95
CA SER B 22 -16.83 -21.37 -1.18
C SER B 22 -15.51 -22.14 -0.97
N CYS B 23 -15.32 -22.67 0.23
CA CYS B 23 -14.15 -23.50 0.54
C CYS B 23 -14.63 -24.78 1.22
N THR B 24 -14.27 -25.92 0.65
CA THR B 24 -14.58 -27.22 1.22
C THR B 24 -13.27 -27.92 1.63
N SER B 25 -13.24 -28.40 2.88
CA SER B 25 -12.12 -29.22 3.34
C SER B 25 -12.43 -30.71 3.28
N GLY B 26 -11.44 -31.49 2.85
CA GLY B 26 -11.55 -32.96 2.79
C GLY B 26 -11.74 -33.65 4.15
N GLN B 27 -11.58 -32.90 5.23
CA GLN B 27 -11.76 -33.44 6.57
C GLN B 27 -12.14 -32.28 7.50
N SER B 28 -12.85 -32.59 8.57
CA SER B 28 -13.32 -31.57 9.50
C SER B 28 -12.21 -30.65 10.04
N LEU B 29 -12.47 -29.35 10.06
CA LEU B 29 -11.51 -28.39 10.57
C LEU B 29 -11.71 -28.04 12.04
N VAL B 30 -12.76 -28.59 12.65
CA VAL B 30 -12.98 -28.45 14.09
C VAL B 30 -11.83 -29.09 14.86
N HIS B 31 -11.12 -28.29 15.64
CA HIS B 31 -9.98 -28.76 16.45
C HIS B 31 -10.47 -29.62 17.64
N ILE B 32 -9.56 -30.39 18.23
CA ILE B 32 -9.89 -31.09 19.48
C ILE B 32 -10.23 -30.11 20.62
N ASN B 33 -9.74 -28.88 20.53
CA ASN B 33 -10.06 -27.86 21.52
C ASN B 33 -11.38 -27.13 21.30
N GLY B 34 -12.07 -27.47 20.21
CA GLY B 34 -13.41 -26.95 19.97
C GLY B 34 -13.46 -25.84 18.94
N ASN B 35 -12.34 -25.13 18.76
CA ASN B 35 -12.28 -24.05 17.79
C ASN B 35 -12.10 -24.54 16.36
N THR B 36 -12.54 -23.72 15.39
CA THR B 36 -12.38 -24.02 13.97
C THR B 36 -11.44 -23.01 13.31
N TYR B 37 -10.26 -23.46 12.92
CA TYR B 37 -9.23 -22.54 12.45
C TYR B 37 -9.22 -22.50 10.93
N LEU B 38 -10.30 -21.96 10.38
CA LEU B 38 -10.40 -21.65 8.96
C LEU B 38 -10.31 -20.13 8.77
N HIS B 39 -9.36 -19.71 7.93
CA HIS B 39 -9.10 -18.29 7.69
C HIS B 39 -9.20 -17.94 6.20
N TRP B 40 -9.52 -16.68 5.91
CA TRP B 40 -9.57 -16.19 4.52
C TRP B 40 -8.57 -15.05 4.27
N TYR B 41 -7.84 -15.14 3.15
CA TYR B 41 -6.86 -14.13 2.74
C TYR B 41 -7.19 -13.58 1.37
N LEU B 42 -6.76 -12.35 1.13
CA LEU B 42 -6.78 -11.78 -0.20
C LEU B 42 -5.37 -11.39 -0.59
N GLN B 43 -4.96 -11.86 -1.76
CA GLN B 43 -3.67 -11.51 -2.34
C GLN B 43 -3.81 -10.72 -3.64
N LYS B 44 -3.31 -9.49 -3.62
CA LYS B 44 -3.17 -8.66 -4.80
C LYS B 44 -1.83 -8.90 -5.51
N PRO B 45 -1.80 -8.72 -6.84
CA PRO B 45 -0.62 -9.17 -7.64
C PRO B 45 0.67 -8.50 -7.18
N GLY B 46 1.77 -9.25 -7.22
CA GLY B 46 3.07 -8.77 -6.75
C GLY B 46 3.16 -8.46 -5.26
N GLN B 47 2.08 -8.71 -4.54
CA GLN B 47 2.02 -8.48 -3.09
C GLN B 47 1.86 -9.81 -2.37
N SER B 48 1.98 -9.78 -1.05
CA SER B 48 1.77 -10.98 -0.27
C SER B 48 0.31 -11.04 0.19
N PRO B 49 -0.18 -12.22 0.58
CA PRO B 49 -1.58 -12.29 1.02
C PRO B 49 -1.81 -11.45 2.28
N LYS B 50 -3.03 -10.93 2.42
CA LYS B 50 -3.44 -10.23 3.64
C LYS B 50 -4.60 -10.96 4.29
N LEU B 51 -4.52 -11.18 5.59
CA LEU B 51 -5.58 -11.81 6.37
C LEU B 51 -6.86 -10.98 6.38
N LEU B 52 -7.97 -11.62 6.01
CA LEU B 52 -9.26 -10.93 6.03
C LEU B 52 -10.11 -11.38 7.21
N ILE B 53 -10.15 -12.70 7.42
CA ILE B 53 -11.04 -13.32 8.39
C ILE B 53 -10.37 -14.55 9.01
N TYR B 54 -10.45 -14.67 10.33
CA TYR B 54 -9.88 -15.83 11.02
C TYR B 54 -10.96 -16.60 11.79
N LYS B 55 -10.73 -17.89 12.02
CA LYS B 55 -11.72 -18.76 12.69
C LYS B 55 -13.12 -18.55 12.16
N VAL B 56 -13.28 -18.77 10.85
CA VAL B 56 -14.57 -18.78 10.18
C VAL B 56 -15.18 -17.41 9.96
N SER B 57 -15.36 -16.63 11.03
CA SER B 57 -16.23 -15.44 10.97
C SER B 57 -15.69 -14.13 11.55
N ASN B 58 -14.48 -14.15 12.10
CA ASN B 58 -13.94 -12.99 12.80
C ASN B 58 -13.20 -12.06 11.88
N LEU B 59 -13.58 -10.79 11.85
CA LEU B 59 -12.93 -9.82 10.95
C LEU B 59 -11.61 -9.39 11.53
N PHE B 60 -10.57 -9.48 10.71
CA PHE B 60 -9.27 -8.96 11.10
C PHE B 60 -9.37 -7.45 11.13
N SER B 61 -8.64 -6.85 12.06
CA SER B 61 -8.66 -5.43 12.33
C SER B 61 -8.38 -4.67 11.06
N GLY B 62 -9.20 -3.64 10.81
CA GLY B 62 -9.07 -2.83 9.59
C GLY B 62 -9.93 -3.33 8.43
N VAL B 63 -10.44 -4.56 8.53
CA VAL B 63 -11.24 -5.13 7.45
C VAL B 63 -12.69 -4.68 7.57
N PRO B 64 -13.24 -4.05 6.51
CA PRO B 64 -14.61 -3.51 6.58
C PRO B 64 -15.70 -4.60 6.69
N ASP B 65 -16.79 -4.27 7.39
CA ASP B 65 -17.89 -5.20 7.69
C ASP B 65 -18.74 -5.66 6.49
N ARG B 66 -18.38 -5.26 5.28
CA ARG B 66 -19.05 -5.80 4.11
C ARG B 66 -18.53 -7.20 3.78
N PHE B 67 -17.45 -7.58 4.44
CA PHE B 67 -16.91 -8.93 4.44
C PHE B 67 -17.49 -9.71 5.59
N SER B 68 -17.99 -10.90 5.29
CA SER B 68 -18.46 -11.80 6.32
C SER B 68 -18.08 -13.22 5.93
N GLY B 69 -17.86 -14.04 6.96
CA GLY B 69 -17.51 -15.43 6.75
C GLY B 69 -18.45 -16.29 7.54
N SER B 70 -18.68 -17.50 7.04
CA SER B 70 -19.65 -18.41 7.67
C SER B 70 -19.29 -19.84 7.33
N GLY B 71 -20.11 -20.79 7.82
CA GLY B 71 -19.86 -22.20 7.58
C GLY B 71 -19.39 -22.95 8.81
N SER B 72 -19.05 -24.22 8.64
CA SER B 72 -18.84 -25.12 9.76
C SER B 72 -18.40 -26.52 9.29
N GLY B 73 -17.55 -27.15 10.11
CA GLY B 73 -17.07 -28.51 9.85
C GLY B 73 -16.15 -28.57 8.65
N THR B 74 -16.72 -28.83 7.48
CA THR B 74 -15.97 -28.98 6.22
C THR B 74 -16.41 -27.99 5.16
N ASP B 75 -17.33 -27.11 5.49
CA ASP B 75 -17.98 -26.29 4.48
C ASP B 75 -17.99 -24.82 4.87
N PHE B 76 -17.33 -23.99 4.06
CA PHE B 76 -17.11 -22.60 4.44
C PHE B 76 -17.40 -21.68 3.29
N THR B 77 -17.87 -20.49 3.62
CA THR B 77 -18.26 -19.50 2.63
C THR B 77 -17.76 -18.11 3.03
N LEU B 78 -17.16 -17.41 2.07
CA LEU B 78 -16.84 -15.99 2.22
C LEU B 78 -17.78 -15.15 1.36
N LYS B 79 -18.40 -14.16 1.99
CA LYS B 79 -19.32 -13.28 1.29
C LYS B 79 -18.88 -11.83 1.38
N ILE B 80 -19.08 -11.10 0.29
CA ILE B 80 -18.91 -9.65 0.24
C ILE B 80 -20.29 -9.06 -0.07
N SER B 81 -20.84 -8.22 0.80
CA SER B 81 -22.23 -7.80 0.65
C SER B 81 -22.43 -6.89 -0.56
N ARG B 82 -21.44 -6.03 -0.80
CA ARG B 82 -21.40 -5.20 -2.00
C ARG B 82 -19.95 -5.09 -2.39
N VAL B 83 -19.63 -5.58 -3.57
CA VAL B 83 -18.25 -5.61 -4.04
C VAL B 83 -17.80 -4.19 -4.41
N GLU B 84 -16.49 -3.95 -4.33
CA GLU B 84 -15.90 -2.71 -4.79
C GLU B 84 -14.69 -3.03 -5.62
N ALA B 85 -14.19 -2.03 -6.34
CA ALA B 85 -13.02 -2.17 -7.20
C ALA B 85 -11.77 -2.66 -6.46
N GLU B 86 -11.69 -2.31 -5.18
CA GLU B 86 -10.54 -2.59 -4.31
C GLU B 86 -10.48 -4.06 -3.87
N ASP B 87 -11.58 -4.79 -4.09
CA ASP B 87 -11.71 -6.17 -3.63
C ASP B 87 -11.13 -7.17 -4.61
N VAL B 88 -10.55 -6.65 -5.67
CA VAL B 88 -10.05 -7.43 -6.75
C VAL B 88 -8.78 -8.14 -6.32
N GLY B 89 -8.64 -9.41 -6.74
CA GLY B 89 -7.44 -10.20 -6.45
C GLY B 89 -7.75 -11.67 -6.21
N VAL B 90 -6.79 -12.42 -5.66
CA VAL B 90 -6.96 -13.86 -5.42
C VAL B 90 -7.29 -14.14 -3.94
N TYR B 91 -8.39 -14.86 -3.70
CA TYR B 91 -8.81 -15.20 -2.34
C TYR B 91 -8.38 -16.63 -2.04
N PHE B 92 -7.74 -16.83 -0.89
CA PHE B 92 -7.30 -18.14 -0.47
C PHE B 92 -7.96 -18.46 0.87
N CYS B 93 -8.51 -19.66 1.00
CA CYS B 93 -8.76 -20.18 2.33
C CYS B 93 -7.51 -20.89 2.85
N SER B 94 -7.41 -20.90 4.17
CA SER B 94 -6.23 -21.40 4.85
C SER B 94 -6.74 -22.08 6.09
N GLN B 95 -6.21 -23.27 6.38
CA GLN B 95 -6.51 -23.96 7.65
C GLN B 95 -5.28 -24.11 8.56
N SER B 96 -5.49 -23.98 9.86
CA SER B 96 -4.43 -24.18 10.84
C SER B 96 -4.85 -25.08 12.01
N THR B 97 -5.81 -25.97 11.74
CA THR B 97 -6.21 -27.03 12.67
C THR B 97 -5.25 -28.22 12.62
N HIS B 98 -4.93 -28.67 11.41
CA HIS B 98 -4.11 -29.87 11.22
C HIS B 98 -2.75 -29.59 10.57
N PHE B 99 -1.70 -30.23 11.06
CA PHE B 99 -0.41 -30.19 10.38
C PHE B 99 -0.37 -31.26 9.29
N PRO B 100 0.19 -30.94 8.12
CA PRO B 100 0.76 -29.64 7.74
C PRO B 100 -0.33 -28.62 7.37
N PHE B 101 -0.09 -27.34 7.63
CA PHE B 101 -1.06 -26.33 7.28
C PHE B 101 -1.24 -26.31 5.78
N THR B 102 -2.46 -26.10 5.34
CA THR B 102 -2.75 -26.16 3.92
C THR B 102 -3.56 -24.95 3.48
N PHE B 103 -3.61 -24.77 2.16
CA PHE B 103 -4.32 -23.66 1.54
C PHE B 103 -5.14 -24.17 0.38
N GLY B 104 -6.27 -23.53 0.11
CA GLY B 104 -6.98 -23.77 -1.15
C GLY B 104 -6.19 -23.18 -2.31
N GLN B 105 -6.56 -23.55 -3.54
CA GLN B 105 -5.81 -23.12 -4.71
C GLN B 105 -6.08 -21.67 -5.19
N GLY B 106 -7.08 -21.03 -4.60
CA GLY B 106 -7.36 -19.64 -4.90
C GLY B 106 -8.58 -19.44 -5.78
N THR B 107 -9.29 -18.34 -5.53
CA THR B 107 -10.39 -17.89 -6.38
C THR B 107 -10.01 -16.52 -6.93
N LYS B 108 -9.88 -16.39 -8.24
CA LYS B 108 -9.60 -15.05 -8.81
C LYS B 108 -10.84 -14.17 -8.94
N LEU B 109 -10.86 -13.06 -8.22
CA LEU B 109 -11.94 -12.09 -8.35
C LEU B 109 -11.52 -10.92 -9.26
N GLU B 110 -12.26 -10.74 -10.35
CA GLU B 110 -11.96 -9.72 -11.34
C GLU B 110 -13.22 -8.88 -11.55
N ILE B 111 -13.04 -7.70 -12.14
CA ILE B 111 -14.14 -6.80 -12.48
C ILE B 111 -14.85 -7.26 -13.74
N LYS B 112 -16.17 -7.36 -13.69
CA LYS B 112 -16.96 -7.73 -14.85
C LYS B 112 -17.42 -6.48 -15.60
N ARG B 113 -17.13 -6.43 -16.89
CA ARG B 113 -17.52 -5.27 -17.70
C ARG B 113 -18.21 -5.74 -18.98
N THR B 114 -18.62 -4.80 -19.83
CA THR B 114 -19.25 -5.20 -21.09
C THR B 114 -18.20 -5.84 -22.00
N VAL B 115 -18.66 -6.72 -22.87
CA VAL B 115 -17.83 -7.40 -23.81
C VAL B 115 -17.11 -6.36 -24.67
N ALA B 116 -15.78 -6.45 -24.75
CA ALA B 116 -14.98 -5.55 -25.59
C ALA B 116 -14.06 -6.39 -26.47
N ALA B 117 -14.14 -6.13 -27.77
CA ALA B 117 -13.36 -6.87 -28.75
C ALA B 117 -11.92 -6.37 -28.75
N PRO B 118 -10.96 -7.28 -28.99
CA PRO B 118 -9.59 -6.85 -29.11
C PRO B 118 -9.35 -6.04 -30.38
N SER B 119 -8.40 -5.10 -30.31
CA SER B 119 -7.77 -4.58 -31.51
C SER B 119 -6.58 -5.48 -31.74
N VAL B 120 -6.46 -5.99 -32.96
CA VAL B 120 -5.40 -6.93 -33.26
C VAL B 120 -4.39 -6.23 -34.12
N PHE B 121 -3.11 -6.37 -33.77
CA PHE B 121 -2.01 -5.84 -34.57
C PHE B 121 -0.95 -6.92 -34.71
N ILE B 122 -0.27 -6.94 -35.85
CA ILE B 122 0.78 -7.93 -36.09
C ILE B 122 2.08 -7.28 -36.52
N PHE B 123 3.18 -7.74 -35.93
CA PHE B 123 4.49 -7.18 -36.24
C PHE B 123 5.43 -8.25 -36.79
N PRO B 124 5.87 -8.09 -38.04
CA PRO B 124 6.92 -8.89 -38.63
C PRO B 124 8.19 -8.74 -37.85
N PRO B 125 9.14 -9.69 -37.99
CA PRO B 125 10.42 -9.48 -37.32
C PRO B 125 11.22 -8.34 -37.93
N SER B 126 12.04 -7.70 -37.10
CA SER B 126 12.91 -6.63 -37.52
C SER B 126 14.12 -7.14 -38.29
N ASP B 127 14.66 -6.28 -39.16
CA ASP B 127 15.93 -6.55 -39.85
C ASP B 127 17.03 -6.87 -38.85
N GLU B 128 17.05 -6.10 -37.77
CA GLU B 128 18.02 -6.28 -36.69
C GLU B 128 17.97 -7.69 -36.11
N GLN B 129 16.77 -8.23 -35.89
CA GLN B 129 16.63 -9.56 -35.34
C GLN B 129 17.08 -10.62 -36.33
N LEU B 130 16.73 -10.43 -37.60
CA LEU B 130 17.10 -11.39 -38.64
C LEU B 130 18.61 -11.56 -38.78
N LYS B 131 19.38 -10.45 -38.66
CA LYS B 131 20.85 -10.52 -38.64
C LYS B 131 21.36 -11.42 -37.52
N SER B 132 20.63 -11.48 -36.41
CA SER B 132 21.02 -12.29 -35.26
C SER B 132 20.86 -13.79 -35.51
N GLY B 133 20.04 -14.14 -36.50
CA GLY B 133 19.82 -15.55 -36.83
C GLY B 133 18.44 -16.08 -36.47
N THR B 134 17.60 -15.22 -35.90
CA THR B 134 16.28 -15.64 -35.42
C THR B 134 15.18 -14.71 -35.92
N ALA B 135 13.95 -15.25 -35.98
CA ALA B 135 12.77 -14.46 -36.33
C ALA B 135 11.66 -14.65 -35.30
N SER B 136 11.23 -13.54 -34.71
CA SER B 136 10.12 -13.53 -33.77
C SER B 136 9.03 -12.71 -34.38
N VAL B 137 7.88 -13.34 -34.57
CA VAL B 137 6.70 -12.67 -35.08
C VAL B 137 5.76 -12.49 -33.89
N VAL B 138 5.19 -11.29 -33.76
CA VAL B 138 4.43 -10.92 -32.58
C VAL B 138 3.01 -10.50 -32.96
N CYS B 139 2.02 -11.14 -32.32
CA CYS B 139 0.62 -10.75 -32.49
C CYS B 139 0.07 -10.15 -31.20
N LEU B 140 -0.54 -8.98 -31.32
CA LEU B 140 -1.05 -8.25 -30.15
C LEU B 140 -2.55 -8.11 -30.23
N LEU B 141 -3.21 -8.53 -29.15
CA LEU B 141 -4.66 -8.39 -28.94
C LEU B 141 -4.83 -7.37 -27.81
N ASN B 142 -5.44 -6.24 -28.14
CA ASN B 142 -5.39 -5.10 -27.25
C ASN B 142 -6.70 -4.72 -26.57
N ASN B 143 -6.60 -4.42 -25.28
CA ASN B 143 -7.74 -3.94 -24.50
C ASN B 143 -9.07 -4.66 -24.82
N PHE B 144 -9.11 -5.97 -24.56
CA PHE B 144 -10.31 -6.77 -24.74
C PHE B 144 -10.89 -7.30 -23.41
N TYR B 145 -12.12 -7.79 -23.48
CA TYR B 145 -12.79 -8.41 -22.35
C TYR B 145 -13.88 -9.32 -22.89
N PRO B 146 -14.08 -10.50 -22.29
CA PRO B 146 -13.35 -11.11 -21.17
C PRO B 146 -12.03 -11.77 -21.59
N ARG B 147 -11.38 -12.49 -20.67
CA ARG B 147 -10.04 -13.02 -20.92
C ARG B 147 -10.01 -14.12 -21.97
N GLU B 148 -11.02 -14.99 -22.00
CA GLU B 148 -11.12 -16.06 -22.98
C GLU B 148 -10.88 -15.54 -24.41
N ALA B 149 -9.74 -15.92 -24.98
CA ALA B 149 -9.35 -15.54 -26.32
C ALA B 149 -8.57 -16.67 -27.01
N LYS B 150 -8.90 -16.94 -28.26
CA LYS B 150 -8.18 -17.94 -29.05
C LYS B 150 -7.32 -17.24 -30.12
N VAL B 151 -6.02 -17.51 -30.08
CA VAL B 151 -5.09 -16.99 -31.06
C VAL B 151 -4.44 -18.17 -31.75
N GLN B 152 -4.57 -18.24 -33.07
CA GLN B 152 -3.94 -19.28 -33.88
C GLN B 152 -3.03 -18.71 -34.95
N TRP B 153 -1.86 -19.32 -35.11
CA TRP B 153 -0.91 -18.90 -36.13
C TRP B 153 -1.04 -19.75 -37.38
N LYS B 154 -0.98 -19.09 -38.53
CA LYS B 154 -1.04 -19.75 -39.82
C LYS B 154 0.14 -19.28 -40.65
N VAL B 155 1.01 -20.21 -41.00
CA VAL B 155 2.14 -19.91 -41.87
C VAL B 155 1.89 -20.60 -43.22
N ASP B 156 1.56 -19.79 -44.24
CA ASP B 156 1.15 -20.28 -45.56
C ASP B 156 -0.07 -21.20 -45.40
N ASN B 157 -0.94 -20.82 -44.48
CA ASN B 157 -2.17 -21.56 -44.17
C ASN B 157 -2.03 -22.86 -43.41
N ALA B 158 -0.80 -23.25 -43.09
CA ALA B 158 -0.58 -24.39 -42.20
C ALA B 158 -0.70 -23.91 -40.74
N LEU B 159 -1.57 -24.57 -39.97
CA LEU B 159 -1.70 -24.26 -38.55
C LEU B 159 -0.45 -24.65 -37.78
N GLN B 160 0.06 -23.69 -37.01
CA GLN B 160 1.25 -23.90 -36.20
C GLN B 160 0.88 -24.44 -34.84
N SER B 161 1.76 -25.27 -34.27
CA SER B 161 1.68 -25.58 -32.86
C SER B 161 3.04 -25.79 -32.23
N GLY B 162 3.14 -25.41 -30.96
CA GLY B 162 4.33 -25.63 -30.15
C GLY B 162 5.46 -24.65 -30.40
N ASN B 163 5.29 -23.72 -31.33
CA ASN B 163 6.33 -22.72 -31.62
C ASN B 163 5.91 -21.28 -31.30
N SER B 164 4.89 -21.14 -30.46
CA SER B 164 4.41 -19.82 -30.05
C SER B 164 4.24 -19.77 -28.54
N GLN B 165 4.39 -18.59 -27.97
CA GLN B 165 4.14 -18.39 -26.56
C GLN B 165 3.31 -17.14 -26.34
N GLU B 166 2.40 -17.23 -25.36
CA GLU B 166 1.44 -16.22 -24.99
C GLU B 166 1.69 -15.69 -23.59
N SER B 167 1.50 -14.38 -23.40
CA SER B 167 1.28 -13.88 -22.06
C SER B 167 0.24 -12.76 -22.06
N VAL B 168 -0.36 -12.53 -20.90
CA VAL B 168 -1.53 -11.68 -20.76
C VAL B 168 -1.32 -10.73 -19.59
N THR B 169 -1.69 -9.47 -19.78
CA THR B 169 -1.53 -8.48 -18.71
C THR B 169 -2.53 -8.71 -17.60
N GLU B 170 -2.33 -8.07 -16.46
CA GLU B 170 -3.36 -8.02 -15.42
C GLU B 170 -4.47 -7.08 -15.87
N GLN B 171 -5.69 -7.34 -15.39
CA GLN B 171 -6.83 -6.45 -15.63
C GLN B 171 -6.45 -5.00 -15.33
N ASP B 172 -6.69 -4.14 -16.31
CA ASP B 172 -6.41 -2.72 -16.21
C ASP B 172 -7.37 -2.08 -15.20
N SER B 173 -6.84 -1.26 -14.30
CA SER B 173 -7.64 -0.74 -13.19
C SER B 173 -8.73 0.25 -13.61
N LYS B 174 -8.46 1.04 -14.65
CA LYS B 174 -9.41 2.06 -15.10
C LYS B 174 -10.42 1.58 -16.14
N ASP B 175 -10.01 0.70 -17.05
CA ASP B 175 -10.96 0.21 -18.08
C ASP B 175 -11.38 -1.25 -18.01
N SER B 176 -10.72 -2.01 -17.13
CA SER B 176 -11.04 -3.42 -16.87
C SER B 176 -10.86 -4.37 -18.06
N THR B 177 -10.01 -4.01 -19.00
CA THR B 177 -9.74 -4.88 -20.14
C THR B 177 -8.43 -5.64 -19.94
N TYR B 178 -8.26 -6.71 -20.69
CA TYR B 178 -7.00 -7.44 -20.75
C TYR B 178 -6.34 -7.17 -22.08
N SER B 179 -5.02 -7.33 -22.11
CA SER B 179 -4.28 -7.35 -23.35
C SER B 179 -3.45 -8.60 -23.42
N LEU B 180 -3.08 -9.01 -24.63
CA LEU B 180 -2.33 -10.25 -24.84
C LEU B 180 -1.30 -10.14 -25.97
N SER B 181 -0.15 -10.79 -25.79
CA SER B 181 0.79 -10.90 -26.88
C SER B 181 1.07 -12.35 -27.15
N SER B 182 1.01 -12.72 -28.42
CA SER B 182 1.40 -14.04 -28.84
C SER B 182 2.65 -13.93 -29.69
N THR B 183 3.67 -14.69 -29.36
CA THR B 183 4.92 -14.65 -30.11
C THR B 183 5.20 -15.96 -30.81
N LEU B 184 5.25 -15.90 -32.14
CA LEU B 184 5.73 -16.98 -32.98
C LEU B 184 7.25 -16.84 -33.11
N THR B 185 7.98 -17.88 -32.74
CA THR B 185 9.44 -17.88 -32.84
C THR B 185 9.91 -18.98 -33.80
N LEU B 186 10.76 -18.59 -34.76
CA LEU B 186 11.31 -19.51 -35.77
C LEU B 186 12.80 -19.21 -35.98
N SER B 187 13.51 -20.08 -36.68
CA SER B 187 14.88 -19.76 -37.11
C SER B 187 14.75 -18.90 -38.37
N LYS B 188 15.76 -18.06 -38.64
CA LYS B 188 15.78 -17.25 -39.88
C LYS B 188 15.50 -18.14 -41.10
N ALA B 189 16.21 -19.27 -41.15
CA ALA B 189 16.05 -20.28 -42.19
C ALA B 189 14.57 -20.68 -42.37
N ASP B 190 14.01 -21.31 -41.33
CA ASP B 190 12.60 -21.72 -41.31
C ASP B 190 11.66 -20.58 -41.64
N TYR B 191 11.97 -19.39 -41.13
CA TYR B 191 11.21 -18.19 -41.46
C TYR B 191 11.19 -17.90 -42.96
N GLU B 192 12.37 -17.75 -43.57
CA GLU B 192 12.49 -17.19 -44.93
C GLU B 192 11.82 -18.01 -46.03
N LYS B 193 11.65 -19.31 -45.79
CA LYS B 193 11.03 -20.22 -46.77
C LYS B 193 9.50 -20.31 -46.65
N HIS B 194 8.90 -19.22 -46.17
CA HIS B 194 7.45 -19.09 -46.16
C HIS B 194 7.07 -17.66 -46.49
N LYS B 195 5.82 -17.44 -46.88
CA LYS B 195 5.39 -16.15 -47.40
C LYS B 195 4.34 -15.47 -46.52
N VAL B 196 3.26 -16.17 -46.23
CA VAL B 196 2.19 -15.59 -45.43
C VAL B 196 2.35 -15.96 -43.96
N TYR B 197 2.33 -14.91 -43.13
CA TYR B 197 2.33 -15.07 -41.70
C TYR B 197 1.08 -14.41 -41.20
N ALA B 198 0.25 -15.20 -40.51
CA ALA B 198 -1.09 -14.76 -40.18
C ALA B 198 -1.44 -15.07 -38.73
N CYS B 199 -2.10 -14.10 -38.09
CA CYS B 199 -2.55 -14.25 -36.72
C CYS B 199 -4.09 -14.21 -36.71
N GLU B 200 -4.71 -15.33 -36.34
CA GLU B 200 -6.17 -15.45 -36.36
C GLU B 200 -6.75 -15.47 -34.95
N VAL B 201 -7.62 -14.50 -34.68
CA VAL B 201 -8.14 -14.26 -33.33
C VAL B 201 -9.62 -14.57 -33.22
N THR B 202 -9.95 -15.42 -32.25
CA THR B 202 -11.32 -15.75 -31.91
C THR B 202 -11.61 -15.21 -30.51
N HIS B 203 -12.78 -14.60 -30.34
CA HIS B 203 -13.14 -13.93 -29.11
C HIS B 203 -14.62 -13.53 -29.14
N GLN B 204 -15.24 -13.53 -27.96
CA GLN B 204 -16.68 -13.28 -27.81
C GLN B 204 -17.21 -11.97 -28.45
N GLY B 205 -16.37 -10.95 -28.55
CA GLY B 205 -16.76 -9.65 -29.12
C GLY B 205 -16.59 -9.53 -30.64
N LEU B 206 -16.13 -10.61 -31.25
CA LEU B 206 -16.01 -10.66 -32.71
C LEU B 206 -17.12 -11.53 -33.32
N SER B 207 -17.91 -10.95 -34.25
CA SER B 207 -18.95 -11.75 -34.96
C SER B 207 -18.28 -12.98 -35.56
N SER B 208 -17.13 -12.76 -36.20
CA SER B 208 -16.32 -13.83 -36.78
C SER B 208 -14.82 -13.57 -36.61
N PRO B 209 -14.01 -14.65 -36.60
CA PRO B 209 -12.58 -14.59 -36.43
C PRO B 209 -11.92 -13.54 -37.31
N VAL B 210 -11.02 -12.77 -36.71
CA VAL B 210 -10.29 -11.72 -37.41
C VAL B 210 -8.85 -12.20 -37.62
N THR B 211 -8.36 -12.01 -38.85
CA THR B 211 -6.98 -12.37 -39.20
C THR B 211 -6.19 -11.09 -39.47
N LYS B 212 -4.94 -11.06 -39.04
CA LYS B 212 -4.01 -10.00 -39.45
C LYS B 212 -2.78 -10.65 -40.07
N SER B 213 -2.51 -10.28 -41.33
CA SER B 213 -1.46 -10.92 -42.11
C SER B 213 -0.43 -9.93 -42.64
N PHE B 214 0.75 -10.45 -42.92
CA PHE B 214 1.69 -9.76 -43.77
C PHE B 214 2.31 -10.81 -44.69
N ASN B 215 2.70 -10.37 -45.88
CA ASN B 215 3.48 -11.19 -46.78
C ASN B 215 4.92 -10.80 -46.54
N ARG B 216 5.71 -11.75 -46.06
CA ARG B 216 7.09 -11.49 -45.65
C ARG B 216 7.80 -10.47 -46.56
N GLY B 217 8.40 -9.46 -45.94
CA GLY B 217 9.20 -8.47 -46.64
C GLY B 217 8.46 -7.25 -47.16
N GLU B 218 7.90 -6.46 -46.24
CA GLU B 218 7.35 -5.12 -46.55
C GLU B 218 7.52 -4.13 -45.39
N GLU C 1 14.60 -4.90 -3.29
CA GLU C 1 15.49 -3.71 -3.23
C GLU C 1 15.91 -3.45 -1.77
N VAL C 2 16.21 -2.19 -1.44
CA VAL C 2 16.63 -1.82 -0.10
C VAL C 2 15.45 -1.46 0.82
N GLN C 3 15.54 -1.90 2.07
CA GLN C 3 14.55 -1.53 3.07
C GLN C 3 15.23 -0.81 4.23
N LEU C 4 14.60 0.26 4.69
CA LEU C 4 15.03 0.90 5.92
C LEU C 4 14.06 0.55 7.04
N VAL C 5 14.59 0.07 8.15
CA VAL C 5 13.76 -0.37 9.27
C VAL C 5 14.12 0.43 10.52
N GLN C 6 13.12 1.14 11.06
CA GLN C 6 13.35 2.05 12.17
C GLN C 6 12.98 1.43 13.50
N SER C 7 13.63 1.85 14.57
CA SER C 7 13.26 1.34 15.91
C SER C 7 11.85 1.79 16.36
N GLY C 8 11.36 1.22 17.45
CA GLY C 8 9.97 1.44 17.89
C GLY C 8 9.68 2.77 18.54
N ALA C 9 8.40 3.01 18.79
CA ALA C 9 7.94 4.27 19.39
C ALA C 9 8.66 4.60 20.70
N GLU C 10 9.02 5.86 20.84
CA GLU C 10 9.71 6.33 22.03
C GLU C 10 8.82 7.28 22.84
N VAL C 11 8.84 7.12 24.17
CA VAL C 11 8.14 8.03 25.09
C VAL C 11 9.12 8.44 26.19
N LYS C 12 9.34 9.74 26.34
CA LYS C 12 10.43 10.23 27.18
C LYS C 12 10.08 11.48 27.99
N LYS C 13 10.82 11.70 29.07
CA LYS C 13 10.71 12.91 29.89
C LYS C 13 11.65 13.97 29.33
N PRO C 14 11.29 15.27 29.48
CA PRO C 14 12.20 16.30 29.02
C PRO C 14 13.52 16.23 29.77
N GLY C 15 14.62 16.49 29.06
CA GLY C 15 15.96 16.38 29.62
C GLY C 15 16.57 15.00 29.47
N GLU C 16 15.77 14.02 29.06
CA GLU C 16 16.33 12.70 28.81
C GLU C 16 17.05 12.64 27.46
N SER C 17 17.96 11.68 27.36
CA SER C 17 18.65 11.40 26.11
C SER C 17 17.97 10.24 25.35
N LEU C 18 18.07 10.30 24.03
CA LEU C 18 17.42 9.30 23.17
C LEU C 18 18.25 8.99 21.93
N LYS C 19 18.32 7.72 21.59
CA LYS C 19 18.95 7.27 20.36
C LYS C 19 18.00 6.36 19.61
N ILE C 20 17.67 6.75 18.38
CA ILE C 20 16.81 5.95 17.49
C ILE C 20 17.60 5.46 16.29
N SER C 21 17.25 4.29 15.79
CA SER C 21 18.04 3.66 14.74
C SER C 21 17.31 3.48 13.40
N CYS C 22 18.10 3.40 12.34
CA CYS C 22 17.62 3.14 11.00
C CYS C 22 18.53 2.06 10.37
N GLN C 23 18.03 0.84 10.26
CA GLN C 23 18.85 -0.25 9.73
C GLN C 23 18.60 -0.47 8.25
N ALA C 24 19.68 -0.47 7.48
CA ALA C 24 19.60 -0.62 6.05
C ALA C 24 19.83 -2.06 5.67
N PHE C 25 18.87 -2.63 4.95
CA PHE C 25 18.92 -3.99 4.47
C PHE C 25 19.12 -3.95 3.00
N GLY C 26 20.27 -4.44 2.57
CA GLY C 26 20.66 -4.33 1.19
C GLY C 26 22.15 -4.16 1.04
N TYR C 27 22.54 -3.39 0.03
CA TYR C 27 23.89 -3.45 -0.51
C TYR C 27 24.54 -2.07 -0.54
N GLY C 28 25.81 -2.00 -0.16
CA GLY C 28 26.63 -0.78 -0.29
C GLY C 28 26.29 0.37 0.65
N PHE C 29 25.87 0.02 1.86
CA PHE C 29 25.49 0.98 2.91
C PHE C 29 26.40 2.21 3.04
N ILE C 30 27.71 1.98 2.98
CA ILE C 30 28.69 3.04 3.14
C ILE C 30 28.62 4.13 2.06
N ASN C 31 28.07 3.76 0.89
CA ASN C 31 27.86 4.67 -0.23
C ASN C 31 26.63 5.57 -0.07
N TYR C 32 25.73 5.19 0.84
CA TYR C 32 24.45 5.89 1.06
C TYR C 32 24.57 7.31 1.57
N LEU C 33 23.69 8.18 1.07
CA LEU C 33 23.41 9.43 1.72
C LEU C 33 22.12 9.29 2.51
N ILE C 34 22.22 9.09 3.82
CA ILE C 34 21.04 8.93 4.65
C ILE C 34 20.62 10.27 5.26
N GLU C 35 19.34 10.60 5.08
CA GLU C 35 18.78 11.84 5.57
C GLU C 35 17.82 11.57 6.69
N TRP C 36 17.69 12.54 7.59
CA TRP C 36 16.70 12.46 8.65
C TRP C 36 15.76 13.62 8.53
N ILE C 37 14.49 13.31 8.69
CA ILE C 37 13.40 14.23 8.45
C ILE C 37 12.30 14.00 9.48
N ARG C 38 11.83 15.06 10.11
CA ARG C 38 10.77 14.92 11.08
C ARG C 38 9.52 15.73 10.71
N GLN C 39 8.38 15.22 11.13
CA GLN C 39 7.10 15.77 10.79
C GLN C 39 6.26 15.82 12.05
N MET C 40 5.90 17.04 12.47
CA MET C 40 4.88 17.22 13.50
C MET C 40 3.54 16.85 12.90
N PRO C 41 2.66 16.21 13.68
CA PRO C 41 1.38 15.75 13.11
C PRO C 41 0.55 16.88 12.48
N GLY C 42 0.20 16.71 11.21
CA GLY C 42 -0.51 17.74 10.44
C GLY C 42 0.36 18.89 9.94
N GLN C 43 1.65 18.84 10.26
CA GLN C 43 2.64 19.80 9.78
C GLN C 43 3.46 19.25 8.62
N GLY C 44 4.36 20.09 8.11
CA GLY C 44 5.24 19.71 7.03
C GLY C 44 6.49 18.99 7.48
N LEU C 45 7.41 18.84 6.54
CA LEU C 45 8.64 18.13 6.78
C LEU C 45 9.76 19.09 7.15
N GLU C 46 10.43 18.77 8.25
CA GLU C 46 11.60 19.52 8.68
C GLU C 46 12.81 18.63 8.44
N TRP C 47 13.76 19.16 7.69
CA TRP C 47 14.97 18.43 7.36
C TRP C 47 15.94 18.52 8.53
N ILE C 48 16.32 17.39 9.11
CA ILE C 48 17.26 17.43 10.25
C ILE C 48 18.70 17.47 9.76
N GLY C 49 19.09 16.53 8.93
CA GLY C 49 20.40 16.56 8.34
C GLY C 49 20.69 15.36 7.48
N LEU C 50 21.92 15.30 6.97
CA LEU C 50 22.36 14.21 6.12
C LEU C 50 23.70 13.64 6.63
N ILE C 51 23.80 12.31 6.59
CA ILE C 51 25.05 11.58 6.85
C ILE C 51 25.46 10.59 5.75
N ASN C 52 26.75 10.58 5.43
CA ASN C 52 27.36 9.48 4.66
C ASN C 52 28.15 8.56 5.60
N PRO C 53 27.65 7.32 5.81
CA PRO C 53 28.22 6.43 6.83
C PRO C 53 29.70 6.13 6.62
N GLY C 54 30.10 5.86 5.37
CA GLY C 54 31.50 5.57 5.07
C GLY C 54 32.48 6.64 5.55
N SER C 55 32.23 7.89 5.15
CA SER C 55 33.10 9.01 5.52
C SER C 55 32.74 9.66 6.86
N ASP C 56 31.59 9.29 7.42
CA ASP C 56 30.92 10.03 8.52
C ASP C 56 30.72 11.54 8.21
N TYR C 57 30.72 11.92 6.93
CA TYR C 57 30.35 13.28 6.54
C TYR C 57 28.91 13.55 6.97
N THR C 58 28.69 14.70 7.58
CA THR C 58 27.37 15.10 8.05
C THR C 58 27.12 16.55 7.70
N ASN C 59 25.90 16.86 7.29
CA ASN C 59 25.47 18.23 7.12
C ASN C 59 24.18 18.39 7.89
N TYR C 60 24.04 19.54 8.56
CA TYR C 60 22.91 19.77 9.47
C TYR C 60 22.12 21.01 9.09
N ASN C 61 20.81 20.96 9.35
CA ASN C 61 19.97 22.16 9.44
C ASN C 61 20.47 22.89 10.69
N GLU C 62 20.78 24.17 10.51
CA GLU C 62 21.34 25.02 11.58
C GLU C 62 20.51 24.99 12.86
N ASN C 63 19.20 24.87 12.71
CA ASN C 63 18.28 24.89 13.83
C ASN C 63 18.37 23.64 14.70
N PHE C 64 19.20 22.69 14.30
CA PHE C 64 19.27 21.42 15.00
C PHE C 64 20.64 21.14 15.59
N LYS C 65 21.62 21.97 15.28
CA LYS C 65 22.98 21.69 15.76
C LYS C 65 23.05 21.77 17.27
N GLY C 66 23.72 20.77 17.86
CA GLY C 66 23.85 20.70 19.30
C GLY C 66 22.57 20.22 19.96
N GLN C 67 21.54 19.97 19.16
CA GLN C 67 20.38 19.24 19.63
C GLN C 67 20.54 17.78 19.24
N ALA C 68 20.76 17.55 17.95
CA ALA C 68 20.78 16.20 17.42
C ALA C 68 22.12 15.90 16.78
N THR C 69 22.51 14.63 16.86
CA THR C 69 23.75 14.17 16.30
C THR C 69 23.49 12.93 15.44
N LEU C 70 23.91 12.98 14.18
CA LEU C 70 23.87 11.81 13.29
C LEU C 70 25.13 10.98 13.42
N SER C 71 24.98 9.67 13.41
CA SER C 71 26.12 8.78 13.46
C SER C 71 25.75 7.51 12.69
N ALA C 72 26.71 6.61 12.51
CA ALA C 72 26.46 5.37 11.79
C ALA C 72 27.48 4.29 12.09
N ASP C 73 27.00 3.05 12.06
CA ASP C 73 27.77 1.87 12.38
C ASP C 73 27.77 0.96 11.17
N LYS C 74 28.87 0.97 10.43
CA LYS C 74 28.94 0.20 9.19
C LYS C 74 28.93 -1.33 9.35
N SER C 75 29.29 -1.83 10.53
CA SER C 75 29.29 -3.29 10.74
C SER C 75 27.89 -3.90 10.82
N SER C 76 26.93 -3.14 11.34
CA SER C 76 25.53 -3.57 11.36
C SER C 76 24.68 -2.86 10.30
N SER C 77 25.27 -1.94 9.54
CA SER C 77 24.54 -1.13 8.57
C SER C 77 23.40 -0.32 9.21
N THR C 78 23.65 0.22 10.40
CA THR C 78 22.66 1.01 11.10
C THR C 78 23.06 2.47 11.17
N ALA C 79 22.09 3.35 10.89
CA ALA C 79 22.24 4.79 11.06
C ALA C 79 21.49 5.21 12.32
N TYR C 80 22.06 6.16 13.04
CA TYR C 80 21.50 6.60 14.32
C TYR C 80 21.19 8.09 14.35
N LEU C 81 20.27 8.44 15.23
CA LEU C 81 19.99 9.83 15.54
C LEU C 81 19.92 9.88 17.05
N GLN C 82 20.83 10.67 17.61
CA GLN C 82 21.09 10.78 19.03
C GLN C 82 20.56 12.13 19.46
N TRP C 83 19.95 12.16 20.63
CA TRP C 83 19.37 13.37 21.13
C TRP C 83 19.67 13.50 22.59
N SER C 84 20.69 14.29 22.93
CA SER C 84 20.90 14.65 24.32
C SER C 84 19.93 15.80 24.66
N SER C 85 19.32 15.69 25.83
CA SER C 85 18.35 16.69 26.35
C SER C 85 17.15 16.98 25.45
N LEU C 86 16.16 16.09 25.51
CA LEU C 86 14.91 16.26 24.78
C LEU C 86 14.11 17.37 25.41
N LYS C 87 13.43 18.14 24.58
CA LYS C 87 12.43 19.09 25.05
C LYS C 87 11.11 18.71 24.42
N ALA C 88 10.01 19.21 24.96
CA ALA C 88 8.65 18.78 24.58
C ALA C 88 8.33 18.96 23.10
N SER C 89 8.88 20.01 22.51
CA SER C 89 8.61 20.36 21.12
C SER C 89 9.30 19.40 20.13
N ASP C 90 10.16 18.53 20.66
CA ASP C 90 10.77 17.43 19.89
C ASP C 90 9.76 16.31 19.57
N THR C 91 8.56 16.39 20.16
CA THR C 91 7.48 15.47 19.85
C THR C 91 7.23 15.54 18.35
N ALA C 92 7.43 14.42 17.65
CA ALA C 92 7.28 14.36 16.20
C ALA C 92 7.48 12.96 15.64
N MET C 93 7.08 12.78 14.39
CA MET C 93 7.45 11.59 13.62
C MET C 93 8.83 11.78 13.01
N TYR C 94 9.70 10.81 13.22
CA TYR C 94 11.06 10.88 12.70
C TYR C 94 11.29 9.82 11.62
N PHE C 95 11.54 10.29 10.40
CA PHE C 95 11.82 9.41 9.26
C PHE C 95 13.32 9.41 8.91
N CYS C 96 13.83 8.25 8.52
CA CYS C 96 15.11 8.20 7.79
C CYS C 96 14.83 7.90 6.32
N ALA C 97 15.69 8.40 5.43
CA ALA C 97 15.48 8.24 3.99
C ALA C 97 16.77 8.15 3.17
N ARG C 98 16.70 7.48 2.04
CA ARG C 98 17.78 7.49 1.05
C ARG C 98 17.20 7.88 -0.29
N ARG C 99 17.64 9.03 -0.80
CA ARG C 99 17.05 9.68 -1.96
C ARG C 99 18.06 10.02 -3.06
N PHE C 100 19.30 10.33 -2.67
CA PHE C 100 20.31 10.74 -3.65
C PHE C 100 21.64 9.98 -3.54
N GLY C 101 22.48 10.13 -4.57
CA GLY C 101 23.91 9.80 -4.52
C GLY C 101 24.64 11.11 -4.73
N TYR C 102 25.93 11.06 -5.06
CA TYR C 102 26.64 12.32 -5.29
C TYR C 102 26.18 12.95 -6.61
N TYR C 103 26.35 14.27 -6.74
CA TYR C 103 26.00 15.00 -7.94
C TYR C 103 26.68 14.40 -9.17
N GLY C 104 25.94 14.35 -10.26
CA GLY C 104 26.44 13.73 -11.48
C GLY C 104 26.38 12.21 -11.50
N SER C 105 25.90 11.60 -10.42
CA SER C 105 25.79 10.15 -10.36
C SER C 105 24.57 9.61 -11.15
N GLY C 106 23.59 10.47 -11.42
CA GLY C 106 22.34 10.05 -12.02
C GLY C 106 21.41 9.30 -11.06
N ASN C 107 21.83 9.17 -9.79
CA ASN C 107 21.12 8.35 -8.81
C ASN C 107 19.99 9.08 -8.12
N TYR C 108 18.78 8.58 -8.32
CA TYR C 108 17.61 9.05 -7.61
C TYR C 108 16.89 7.86 -7.03
N PHE C 109 16.87 7.77 -5.71
CA PHE C 109 16.16 6.70 -5.00
C PHE C 109 15.01 7.29 -4.19
N ASP C 110 14.20 6.40 -3.62
CA ASP C 110 13.08 6.78 -2.79
C ASP C 110 12.80 5.76 -1.68
N TYR C 111 13.83 5.52 -0.85
CA TYR C 111 13.74 4.56 0.26
C TYR C 111 13.48 5.27 1.57
N TRP C 112 12.43 4.86 2.27
CA TRP C 112 12.04 5.51 3.51
C TRP C 112 11.83 4.48 4.59
N GLY C 113 12.24 4.82 5.81
CA GLY C 113 11.89 4.01 6.96
C GLY C 113 10.41 4.17 7.25
N GLN C 114 9.86 3.31 8.09
CA GLN C 114 8.44 3.40 8.42
C GLN C 114 8.17 4.57 9.39
N GLY C 115 9.25 5.21 9.88
CA GLY C 115 9.14 6.29 10.85
C GLY C 115 9.13 5.83 12.29
N THR C 116 9.73 6.64 13.16
CA THR C 116 9.71 6.40 14.59
C THR C 116 9.02 7.60 15.25
N MET C 117 8.01 7.30 16.05
CA MET C 117 7.25 8.32 16.79
C MET C 117 7.98 8.64 18.10
N VAL C 118 8.24 9.91 18.33
CA VAL C 118 8.87 10.33 19.58
C VAL C 118 7.93 11.27 20.32
N THR C 119 7.58 10.91 21.54
CA THR C 119 6.78 11.73 22.41
C THR C 119 7.64 12.13 23.60
N VAL C 120 7.69 13.44 23.85
CA VAL C 120 8.41 13.99 24.99
C VAL C 120 7.39 14.67 25.89
N SER C 121 7.32 14.24 27.15
CA SER C 121 6.32 14.75 28.07
C SER C 121 6.66 14.35 29.50
N SER C 122 6.34 15.24 30.45
CA SER C 122 6.61 14.94 31.84
C SER C 122 5.47 14.10 32.41
N ALA C 123 4.46 13.84 31.59
CA ALA C 123 3.37 12.96 31.96
C ALA C 123 3.85 11.53 32.15
N SER C 124 3.06 10.72 32.83
CA SER C 124 3.43 9.35 33.17
C SER C 124 2.36 8.37 32.72
N THR C 125 2.80 7.20 32.29
CA THR C 125 1.89 6.16 31.81
C THR C 125 0.65 6.05 32.68
N LYS C 126 -0.52 6.15 32.05
CA LYS C 126 -1.81 6.01 32.74
C LYS C 126 -2.86 5.52 31.76
N GLY C 127 -3.61 4.49 32.17
CA GLY C 127 -4.69 3.93 31.36
C GLY C 127 -5.93 4.79 31.32
N PRO C 128 -6.73 4.65 30.24
CA PRO C 128 -7.91 5.48 30.03
C PRO C 128 -9.10 5.09 30.90
N SER C 129 -10.02 6.03 31.06
CA SER C 129 -11.34 5.72 31.57
C SER C 129 -12.27 5.74 30.38
N VAL C 130 -13.16 4.76 30.31
CA VAL C 130 -14.11 4.65 29.20
C VAL C 130 -15.56 4.93 29.64
N PHE C 131 -16.10 6.05 29.17
CA PHE C 131 -17.47 6.43 29.46
C PHE C 131 -18.35 6.35 28.22
N PRO C 132 -19.57 5.81 28.38
CA PRO C 132 -20.48 5.72 27.24
C PRO C 132 -21.04 7.08 26.84
N LEU C 133 -21.19 7.27 25.53
CA LEU C 133 -21.93 8.39 24.99
C LEU C 133 -23.23 7.79 24.50
N ALA C 134 -24.29 7.93 25.29
CA ALA C 134 -25.52 7.16 25.08
C ALA C 134 -26.49 7.82 24.10
N PRO C 135 -27.27 6.99 23.36
CA PRO C 135 -28.36 7.52 22.54
C PRO C 135 -29.54 7.99 23.37
N SER C 136 -30.15 9.09 22.98
CA SER C 136 -31.42 9.54 23.55
C SER C 136 -32.56 9.15 22.62
N SER C 137 -33.70 9.85 22.71
CA SER C 137 -34.83 9.66 21.78
C SER C 137 -35.93 10.72 21.96
N GLY C 142 -33.61 10.96 14.46
CA GLY C 142 -34.44 10.78 13.26
C GLY C 142 -34.78 9.32 13.02
N GLY C 143 -34.21 8.74 11.97
CA GLY C 143 -34.27 7.30 11.70
C GLY C 143 -32.98 6.57 12.08
N THR C 144 -31.96 7.33 12.44
CA THR C 144 -30.68 6.79 12.89
C THR C 144 -30.27 7.41 14.22
N ALA C 145 -29.64 6.60 15.08
CA ALA C 145 -29.13 7.08 16.35
C ALA C 145 -27.60 7.17 16.33
N ALA C 146 -27.04 8.22 16.94
CA ALA C 146 -25.61 8.25 17.17
C ALA C 146 -25.33 7.82 18.61
N LEU C 147 -24.24 7.09 18.82
CA LEU C 147 -23.77 6.66 20.14
C LEU C 147 -22.25 6.49 20.10
N GLY C 148 -21.61 6.40 21.26
CA GLY C 148 -20.16 6.35 21.29
C GLY C 148 -19.47 6.05 22.60
N CYS C 149 -18.15 6.24 22.60
CA CYS C 149 -17.32 6.07 23.78
C CYS C 149 -16.30 7.20 23.89
N LEU C 150 -16.22 7.77 25.08
CA LEU C 150 -15.25 8.79 25.41
C LEU C 150 -14.14 8.05 26.10
N VAL C 151 -12.97 8.08 25.49
CA VAL C 151 -11.84 7.37 26.04
C VAL C 151 -10.94 8.45 26.65
N LYS C 152 -11.11 8.66 27.95
CA LYS C 152 -10.57 9.85 28.61
C LYS C 152 -9.36 9.59 29.53
N ASP C 153 -8.48 10.61 29.59
CA ASP C 153 -7.32 10.67 30.49
C ASP C 153 -6.41 9.45 30.39
N TYR C 154 -5.64 9.40 29.32
CA TYR C 154 -4.65 8.36 29.15
C TYR C 154 -3.34 8.95 28.62
N PHE C 155 -2.26 8.24 28.89
CA PHE C 155 -0.94 8.57 28.40
C PHE C 155 -0.10 7.30 28.35
N PRO C 156 0.64 7.10 27.25
CA PRO C 156 0.66 7.94 26.05
C PRO C 156 -0.27 7.41 24.96
N GLU C 157 -0.19 8.02 23.77
CA GLU C 157 -0.75 7.43 22.56
C GLU C 157 0.01 6.14 22.24
N PRO C 158 -0.64 5.18 21.53
CA PRO C 158 -2.02 5.24 21.03
C PRO C 158 -2.98 4.36 21.82
N VAL C 159 -4.26 4.63 21.65
CA VAL C 159 -5.31 3.66 21.95
C VAL C 159 -5.94 3.22 20.63
N THR C 160 -6.51 2.03 20.64
CA THR C 160 -7.30 1.56 19.51
C THR C 160 -8.68 1.24 20.03
N VAL C 161 -9.68 1.71 19.30
CA VAL C 161 -11.08 1.42 19.59
C VAL C 161 -11.66 0.59 18.46
N SER C 162 -12.36 -0.48 18.80
CA SER C 162 -13.16 -1.21 17.81
C SER C 162 -14.58 -1.38 18.36
N TRP C 163 -15.53 -1.67 17.47
CA TRP C 163 -16.93 -1.83 17.86
C TRP C 163 -17.42 -3.25 17.59
N ASN C 164 -17.99 -3.87 18.62
CA ASN C 164 -18.39 -5.29 18.63
C ASN C 164 -17.29 -6.23 18.16
N SER C 165 -16.10 -6.01 18.74
CA SER C 165 -14.88 -6.79 18.45
C SER C 165 -14.43 -6.72 16.99
N GLY C 166 -14.90 -5.69 16.27
CA GLY C 166 -14.51 -5.49 14.87
C GLY C 166 -15.61 -5.88 13.90
N ALA C 167 -16.72 -6.37 14.42
CA ALA C 167 -17.81 -6.83 13.57
C ALA C 167 -18.55 -5.66 12.94
N LEU C 168 -18.38 -4.47 13.49
CA LEU C 168 -19.11 -3.30 13.01
C LEU C 168 -18.14 -2.20 12.64
N THR C 169 -18.12 -1.82 11.37
CA THR C 169 -17.22 -0.76 10.94
C THR C 169 -17.96 0.34 10.22
N SER C 170 -19.15 0.03 9.70
CA SER C 170 -19.97 1.05 8.99
C SER C 170 -20.41 2.11 9.96
N GLY C 171 -20.27 3.37 9.57
CA GLY C 171 -20.74 4.49 10.39
C GLY C 171 -19.86 4.79 11.61
N VAL C 172 -18.75 4.06 11.74
CA VAL C 172 -17.82 4.33 12.83
C VAL C 172 -16.90 5.49 12.49
N HIS C 173 -16.88 6.50 13.35
CA HIS C 173 -15.85 7.50 13.26
C HIS C 173 -15.07 7.50 14.56
N THR C 174 -13.78 7.22 14.49
CA THR C 174 -12.94 7.32 15.66
C THR C 174 -12.04 8.52 15.45
N PHE C 175 -12.11 9.44 16.40
CA PHE C 175 -11.53 10.76 16.21
C PHE C 175 -10.10 10.79 16.65
N PRO C 176 -9.31 11.73 16.09
CA PRO C 176 -7.97 11.95 16.62
C PRO C 176 -8.04 12.36 18.10
N ALA C 177 -7.03 11.96 18.86
CA ALA C 177 -6.94 12.33 20.25
C ALA C 177 -6.69 13.83 20.40
N VAL C 178 -7.05 14.39 21.55
CA VAL C 178 -6.63 15.74 21.88
C VAL C 178 -5.78 15.69 23.13
N LEU C 179 -4.70 16.44 23.12
CA LEU C 179 -3.90 16.63 24.30
C LEU C 179 -4.58 17.68 25.15
N GLN C 180 -5.08 17.28 26.31
CA GLN C 180 -5.61 18.22 27.31
C GLN C 180 -4.48 18.97 28.02
N SER C 181 -4.82 20.14 28.58
CA SER C 181 -3.86 21.00 29.29
C SER C 181 -3.20 20.30 30.49
N SER C 182 -3.86 19.23 30.96
CA SER C 182 -3.32 18.38 32.01
C SER C 182 -2.19 17.46 31.52
N GLY C 183 -2.02 17.39 30.20
CA GLY C 183 -0.97 16.56 29.59
C GLY C 183 -1.41 15.12 29.38
N LEU C 184 -2.67 14.85 29.64
CA LEU C 184 -3.27 13.56 29.31
C LEU C 184 -4.12 13.70 28.05
N TYR C 185 -4.26 12.60 27.31
CA TYR C 185 -5.04 12.58 26.07
C TYR C 185 -6.49 12.20 26.32
N SER C 186 -7.35 12.65 25.41
CA SER C 186 -8.75 12.27 25.39
C SER C 186 -9.19 12.04 23.93
N LEU C 187 -9.99 11.00 23.70
CA LEU C 187 -10.55 10.75 22.37
C LEU C 187 -11.93 10.14 22.39
N SER C 188 -12.64 10.35 21.28
CA SER C 188 -13.99 9.85 21.06
C SER C 188 -14.10 8.91 19.87
N SER C 189 -15.00 7.94 20.01
CA SER C 189 -15.40 7.08 18.91
C SER C 189 -16.91 7.00 18.89
N VAL C 190 -17.50 7.23 17.73
CA VAL C 190 -18.94 7.20 17.55
C VAL C 190 -19.31 6.32 16.38
N VAL C 191 -20.57 5.92 16.37
CA VAL C 191 -21.17 5.17 15.28
C VAL C 191 -22.65 5.52 15.22
N THR C 192 -23.14 5.79 14.02
CA THR C 192 -24.57 5.99 13.79
C THR C 192 -25.18 4.65 13.44
N VAL C 193 -26.29 4.33 14.09
CA VAL C 193 -26.99 3.06 13.89
C VAL C 193 -28.49 3.28 13.63
N PRO C 194 -29.19 2.26 13.09
CA PRO C 194 -30.64 2.36 12.92
C PRO C 194 -31.33 2.39 14.27
N SER C 195 -32.15 3.41 14.50
CA SER C 195 -32.85 3.54 15.79
C SER C 195 -33.79 2.37 16.11
N SER C 196 -34.22 1.66 15.07
CA SER C 196 -35.03 0.45 15.26
C SER C 196 -34.30 -0.73 15.92
N SER C 197 -32.97 -0.72 15.91
CA SER C 197 -32.17 -1.83 16.47
C SER C 197 -31.79 -1.65 17.94
N LEU C 198 -31.97 -0.44 18.47
CA LEU C 198 -31.57 -0.11 19.84
C LEU C 198 -32.16 -1.02 20.94
N GLY C 199 -33.25 -1.70 20.64
CA GLY C 199 -33.87 -2.62 21.59
C GLY C 199 -33.23 -4.00 21.49
N THR C 200 -32.92 -4.41 20.27
CA THR C 200 -32.31 -5.70 20.04
C THR C 200 -30.78 -5.54 20.09
N GLN C 201 -30.12 -5.37 18.94
CA GLN C 201 -28.65 -5.28 18.86
C GLN C 201 -27.94 -4.57 20.02
N THR C 202 -27.01 -5.30 20.64
CA THR C 202 -26.19 -4.74 21.70
C THR C 202 -24.92 -4.12 21.11
N TYR C 203 -24.55 -2.93 21.60
CA TYR C 203 -23.35 -2.23 21.11
C TYR C 203 -22.25 -2.11 22.16
N ILE C 204 -21.03 -2.51 21.78
CA ILE C 204 -19.91 -2.53 22.70
C ILE C 204 -18.66 -1.89 22.10
N CYS C 205 -18.10 -0.91 22.77
CA CYS C 205 -16.84 -0.39 22.32
C CYS C 205 -15.71 -1.12 23.04
N ASN C 206 -14.76 -1.62 22.25
CA ASN C 206 -13.57 -2.32 22.76
C ASN C 206 -12.35 -1.41 22.68
N VAL C 207 -11.85 -1.05 23.85
CA VAL C 207 -10.75 -0.12 23.94
C VAL C 207 -9.52 -0.84 24.46
N ASN C 208 -8.40 -0.53 23.84
CA ASN C 208 -7.15 -1.21 24.10
C ASN C 208 -6.08 -0.15 24.24
N HIS C 209 -5.42 -0.11 25.40
CA HIS C 209 -4.30 0.78 25.63
C HIS C 209 -3.04 0.01 26.02
N LYS C 210 -2.33 -0.47 25.01
CA LYS C 210 -1.16 -1.34 25.18
C LYS C 210 -0.13 -0.80 26.16
N PRO C 211 0.20 0.51 26.10
CA PRO C 211 1.21 1.01 27.05
C PRO C 211 0.91 0.73 28.53
N SER C 212 -0.35 0.73 28.94
CA SER C 212 -0.73 0.48 30.33
C SER C 212 -1.29 -0.92 30.56
N ASN C 213 -1.33 -1.71 29.48
CA ASN C 213 -1.96 -3.04 29.44
C ASN C 213 -3.44 -3.02 29.84
N THR C 214 -4.13 -1.98 29.39
CA THR C 214 -5.54 -1.78 29.67
C THR C 214 -6.44 -2.28 28.52
N LYS C 215 -7.38 -3.14 28.86
CA LYS C 215 -8.43 -3.59 27.95
C LYS C 215 -9.77 -3.39 28.61
N VAL C 216 -10.62 -2.58 27.99
CA VAL C 216 -11.92 -2.27 28.55
C VAL C 216 -12.99 -2.50 27.50
N ASP C 217 -13.99 -3.29 27.85
CA ASP C 217 -15.16 -3.43 27.00
C ASP C 217 -16.34 -2.75 27.68
N LYS C 218 -16.83 -1.67 27.07
CA LYS C 218 -17.93 -0.91 27.65
C LYS C 218 -19.18 -0.99 26.80
N ARG C 219 -20.24 -1.54 27.39
CA ARG C 219 -21.53 -1.65 26.74
C ARG C 219 -22.22 -0.28 26.71
N VAL C 220 -22.70 0.10 25.54
CA VAL C 220 -23.41 1.37 25.39
C VAL C 220 -24.88 1.11 25.15
N GLU C 221 -25.71 1.71 26.01
CA GLU C 221 -27.17 1.61 25.93
C GLU C 221 -27.82 2.93 26.38
N PRO C 222 -29.11 3.14 26.01
CA PRO C 222 -29.80 4.40 26.36
C PRO C 222 -30.31 4.40 27.81
N LYS C 223 -31.01 5.46 28.20
CA LYS C 223 -31.65 5.58 29.53
C LYS C 223 -30.66 5.49 30.68
N ASP D 1 19.97 29.34 3.63
CA ASP D 1 18.72 28.51 3.71
C ASP D 1 17.72 28.97 2.63
N VAL D 2 17.55 28.15 1.61
CA VAL D 2 16.62 28.43 0.51
C VAL D 2 15.19 28.08 0.90
N VAL D 3 14.42 29.09 1.29
CA VAL D 3 13.03 28.91 1.71
C VAL D 3 12.10 28.65 0.53
N MET D 4 11.11 27.77 0.74
CA MET D 4 10.23 27.29 -0.33
C MET D 4 8.78 27.57 0.00
N THR D 5 8.14 28.32 -0.91
CA THR D 5 6.76 28.76 -0.73
C THR D 5 5.84 27.96 -1.66
N GLN D 6 4.90 27.24 -1.06
CA GLN D 6 3.92 26.44 -1.78
C GLN D 6 2.54 27.03 -1.69
N THR D 7 1.87 27.10 -2.84
CA THR D 7 0.48 27.57 -2.92
C THR D 7 -0.28 26.69 -3.91
N PRO D 8 -1.57 26.38 -3.63
CA PRO D 8 -2.30 26.72 -2.41
C PRO D 8 -2.00 25.72 -1.32
N LEU D 9 -2.33 26.07 -0.08
CA LEU D 9 -2.22 25.14 1.04
C LEU D 9 -3.32 24.07 1.02
N SER D 10 -4.49 24.41 0.50
CA SER D 10 -5.59 23.44 0.39
C SER D 10 -6.11 23.41 -1.02
N LEU D 11 -6.29 22.20 -1.56
CA LEU D 11 -6.80 22.05 -2.91
C LEU D 11 -7.86 20.95 -3.00
N PRO D 12 -9.14 21.31 -2.87
CA PRO D 12 -10.20 20.36 -3.17
C PRO D 12 -10.36 20.24 -4.69
N VAL D 13 -10.48 19.01 -5.20
CA VAL D 13 -10.63 18.81 -6.63
C VAL D 13 -11.72 17.79 -6.88
N THR D 14 -12.59 18.07 -7.82
CA THR D 14 -13.56 17.10 -8.32
C THR D 14 -12.76 16.03 -9.04
N PRO D 15 -12.99 14.74 -8.73
CA PRO D 15 -12.35 13.70 -9.54
C PRO D 15 -12.61 13.94 -11.03
N GLY D 16 -11.58 13.69 -11.86
CA GLY D 16 -11.60 14.01 -13.30
C GLY D 16 -11.08 15.40 -13.68
N GLU D 17 -11.03 16.33 -12.73
CA GLU D 17 -10.57 17.67 -13.07
C GLU D 17 -9.06 17.74 -12.94
N PRO D 18 -8.42 18.77 -13.56
CA PRO D 18 -6.99 18.94 -13.40
C PRO D 18 -6.62 19.70 -12.12
N ALA D 19 -5.40 19.52 -11.65
CA ALA D 19 -4.89 20.27 -10.52
C ALA D 19 -3.58 20.91 -10.90
N SER D 20 -3.30 22.07 -10.33
CA SER D 20 -2.05 22.77 -10.50
C SER D 20 -1.51 23.16 -9.12
N ILE D 21 -0.24 22.88 -8.87
CA ILE D 21 0.38 23.13 -7.59
C ILE D 21 1.70 23.88 -7.76
N SER D 22 1.90 24.92 -6.96
CA SER D 22 2.94 25.87 -7.24
C SER D 22 3.99 26.02 -6.12
N CYS D 23 5.24 26.24 -6.54
CA CYS D 23 6.34 26.34 -5.59
C CYS D 23 7.36 27.43 -6.01
N THR D 24 7.72 28.28 -5.05
CA THR D 24 8.64 29.39 -5.29
C THR D 24 9.81 29.35 -4.31
N SER D 25 11.02 29.57 -4.80
CA SER D 25 12.23 29.49 -3.97
C SER D 25 12.97 30.80 -3.85
N GLY D 26 13.47 31.06 -2.64
CA GLY D 26 14.24 32.25 -2.30
C GLY D 26 15.35 32.57 -3.30
N GLN D 27 16.15 31.55 -3.62
CA GLN D 27 17.19 31.71 -4.65
C GLN D 27 17.18 30.58 -5.67
N SER D 28 17.79 30.86 -6.81
CA SER D 28 17.90 29.94 -7.93
C SER D 28 18.27 28.54 -7.47
N LEU D 29 17.56 27.55 -8.01
CA LEU D 29 17.87 26.18 -7.73
C LEU D 29 18.74 25.58 -8.86
N VAL D 30 19.23 26.45 -9.74
CA VAL D 30 20.17 26.02 -10.76
C VAL D 30 21.54 25.82 -10.12
N HIS D 31 21.96 24.56 -10.05
CA HIS D 31 23.28 24.24 -9.50
C HIS D 31 24.37 24.80 -10.40
N ILE D 32 25.54 25.01 -9.82
CA ILE D 32 26.68 25.44 -10.60
C ILE D 32 26.92 24.49 -11.80
N ASN D 33 26.65 23.19 -11.61
CA ASN D 33 26.78 22.21 -12.69
C ASN D 33 25.70 22.30 -13.79
N GLY D 34 24.69 23.14 -13.59
CA GLY D 34 23.69 23.36 -14.62
C GLY D 34 22.36 22.64 -14.42
N ASN D 35 22.32 21.62 -13.58
CA ASN D 35 21.07 20.93 -13.28
C ASN D 35 20.26 21.71 -12.24
N THR D 36 18.94 21.49 -12.23
CA THR D 36 18.04 22.08 -11.23
C THR D 36 17.45 20.96 -10.37
N TYR D 37 17.81 20.97 -9.09
CA TYR D 37 17.49 19.88 -8.18
C TYR D 37 16.22 20.19 -7.38
N LEU D 38 15.11 20.30 -8.11
CA LEU D 38 13.80 20.57 -7.54
C LEU D 38 12.90 19.35 -7.78
N HIS D 39 12.28 18.84 -6.71
CA HIS D 39 11.52 17.58 -6.78
C HIS D 39 10.12 17.68 -6.17
N TRP D 40 9.24 16.76 -6.54
CA TRP D 40 7.89 16.77 -6.02
C TRP D 40 7.58 15.47 -5.35
N TYR D 41 6.96 15.56 -4.18
CA TYR D 41 6.56 14.41 -3.39
C TYR D 41 5.06 14.43 -3.13
N LEU D 42 4.51 13.23 -2.92
CA LEU D 42 3.16 13.03 -2.39
C LEU D 42 3.25 12.14 -1.14
N GLN D 43 2.68 12.60 -0.04
CA GLN D 43 2.56 11.78 1.15
C GLN D 43 1.09 11.42 1.30
N LYS D 44 0.77 10.15 1.18
CA LYS D 44 -0.59 9.64 1.37
C LYS D 44 -0.80 9.45 2.86
N PRO D 45 -2.05 9.56 3.34
CA PRO D 45 -2.36 9.52 4.78
C PRO D 45 -1.72 8.33 5.51
N GLY D 46 -1.10 8.60 6.65
CA GLY D 46 -0.43 7.56 7.46
C GLY D 46 0.85 6.96 6.87
N GLN D 47 1.35 7.53 5.79
CA GLN D 47 2.47 6.96 5.05
C GLN D 47 3.66 7.91 4.87
N SER D 48 4.78 7.33 4.45
CA SER D 48 5.97 8.10 4.21
C SER D 48 5.76 8.84 2.88
N PRO D 49 6.42 10.00 2.70
CA PRO D 49 6.37 10.68 1.41
C PRO D 49 6.87 9.79 0.27
N LYS D 50 6.28 9.93 -0.92
CA LYS D 50 6.74 9.21 -2.12
C LYS D 50 7.14 10.17 -3.24
N LEU D 51 8.22 9.83 -3.93
CA LEU D 51 8.78 10.69 -4.97
C LEU D 51 8.01 10.57 -6.27
N LEU D 52 7.59 11.71 -6.80
CA LEU D 52 6.81 11.74 -8.02
C LEU D 52 7.66 12.19 -9.20
N ILE D 53 8.27 13.36 -9.04
CA ILE D 53 9.06 14.00 -10.07
C ILE D 53 10.39 14.46 -9.47
N TYR D 54 11.48 14.25 -10.20
CA TYR D 54 12.80 14.75 -9.79
C TYR D 54 13.38 15.64 -10.87
N LYS D 55 14.19 16.61 -10.44
CA LYS D 55 14.82 17.59 -11.34
C LYS D 55 13.81 18.24 -12.28
N VAL D 56 12.79 18.86 -11.67
CA VAL D 56 11.80 19.69 -12.38
C VAL D 56 10.70 18.88 -13.09
N SER D 57 11.11 17.98 -13.99
CA SER D 57 10.19 17.38 -14.96
C SER D 57 10.36 15.88 -15.26
N ASN D 58 11.29 15.19 -14.61
CA ASN D 58 11.46 13.75 -14.88
C ASN D 58 10.61 12.95 -13.91
N LEU D 59 9.78 12.06 -14.45
CA LEU D 59 8.94 11.19 -13.60
C LEU D 59 9.78 10.08 -13.00
N PHE D 60 9.48 9.72 -11.77
CA PHE D 60 10.13 8.61 -11.11
C PHE D 60 9.43 7.33 -11.57
N SER D 61 10.17 6.22 -11.54
CA SER D 61 9.69 4.91 -11.99
C SER D 61 8.33 4.56 -11.42
N GLY D 62 7.37 4.23 -12.29
CA GLY D 62 6.05 3.78 -11.86
C GLY D 62 5.03 4.91 -11.74
N VAL D 63 5.45 6.15 -12.05
CA VAL D 63 4.57 7.29 -11.85
C VAL D 63 3.87 7.61 -13.17
N PRO D 64 2.53 7.65 -13.13
CA PRO D 64 1.75 7.80 -14.36
C PRO D 64 1.92 9.18 -15.00
N ASP D 65 1.84 9.22 -16.34
CA ASP D 65 2.02 10.45 -17.11
C ASP D 65 0.97 11.56 -16.89
N ARG D 66 0.01 11.34 -16.00
CA ARG D 66 -0.93 12.41 -15.65
C ARG D 66 -0.28 13.50 -14.80
N PHE D 67 0.81 13.14 -14.12
CA PHE D 67 1.65 14.10 -13.41
C PHE D 67 2.69 14.62 -14.39
N SER D 68 2.99 15.90 -14.26
CA SER D 68 4.09 16.53 -14.97
C SER D 68 4.52 17.77 -14.22
N GLY D 69 5.79 18.10 -14.35
CA GLY D 69 6.36 19.23 -13.69
C GLY D 69 6.99 20.12 -14.73
N SER D 70 7.02 21.41 -14.45
CA SER D 70 7.74 22.36 -15.27
C SER D 70 8.21 23.49 -14.38
N GLY D 71 8.82 24.50 -15.01
CA GLY D 71 9.30 25.67 -14.31
C GLY D 71 10.79 25.81 -14.52
N SER D 72 11.37 26.83 -13.89
CA SER D 72 12.80 27.10 -14.01
C SER D 72 13.25 28.18 -13.03
N GLY D 73 14.52 28.10 -12.65
CA GLY D 73 15.13 29.07 -11.74
C GLY D 73 14.59 29.02 -10.35
N THR D 74 13.51 29.78 -10.12
CA THR D 74 12.95 29.98 -8.78
C THR D 74 11.47 29.70 -8.78
N ASP D 75 10.95 29.28 -9.92
CA ASP D 75 9.50 29.19 -10.13
C ASP D 75 9.11 27.83 -10.72
N PHE D 76 8.18 27.13 -10.04
CA PHE D 76 7.88 25.72 -10.33
C PHE D 76 6.43 25.34 -10.18
N THR D 77 5.98 24.42 -11.06
CA THR D 77 4.58 23.98 -11.07
C THR D 77 4.45 22.45 -11.25
N LEU D 78 3.56 21.86 -10.46
CA LEU D 78 3.18 20.46 -10.65
C LEU D 78 1.75 20.39 -11.21
N LYS D 79 1.57 19.68 -12.31
CA LYS D 79 0.22 19.54 -12.85
C LYS D 79 -0.26 18.08 -12.80
N ILE D 80 -1.48 17.92 -12.32
CA ILE D 80 -2.17 16.66 -12.48
C ILE D 80 -3.24 16.93 -13.53
N SER D 81 -3.15 16.26 -14.67
CA SER D 81 -4.07 16.52 -15.78
C SER D 81 -5.50 16.10 -15.46
N ARG D 82 -5.66 14.97 -14.75
CA ARG D 82 -6.97 14.50 -14.30
C ARG D 82 -6.87 13.73 -12.98
N VAL D 83 -7.34 14.38 -11.92
CA VAL D 83 -7.24 13.85 -10.56
C VAL D 83 -8.06 12.57 -10.32
N GLU D 84 -7.37 11.53 -9.84
CA GLU D 84 -7.99 10.27 -9.42
C GLU D 84 -8.05 10.20 -7.91
N ALA D 85 -8.82 9.25 -7.39
CA ALA D 85 -8.98 9.10 -5.94
C ALA D 85 -7.65 8.83 -5.20
N GLU D 86 -6.82 7.95 -5.76
CA GLU D 86 -5.51 7.58 -5.17
C GLU D 86 -4.55 8.77 -5.02
N ASP D 87 -4.87 9.90 -5.66
CA ASP D 87 -4.00 11.08 -5.75
C ASP D 87 -4.11 12.03 -4.57
N VAL D 88 -5.02 11.70 -3.68
CA VAL D 88 -5.23 12.42 -2.43
C VAL D 88 -4.03 12.28 -1.47
N GLY D 89 -3.68 13.38 -0.80
CA GLY D 89 -2.65 13.42 0.26
C GLY D 89 -2.00 14.80 0.34
N VAL D 90 -0.79 14.88 0.89
CA VAL D 90 -0.07 16.17 0.92
C VAL D 90 1.10 16.16 -0.05
N TYR D 91 1.15 17.18 -0.91
CA TYR D 91 2.18 17.33 -1.91
C TYR D 91 3.20 18.34 -1.41
N PHE D 92 4.49 18.00 -1.47
CA PHE D 92 5.55 18.88 -1.04
C PHE D 92 6.53 19.07 -2.18
N CYS D 93 7.01 20.30 -2.40
CA CYS D 93 8.18 20.46 -3.25
C CYS D 93 9.41 20.24 -2.40
N SER D 94 10.53 19.92 -3.04
CA SER D 94 11.76 19.62 -2.34
C SER D 94 12.93 20.14 -3.13
N GLN D 95 13.92 20.72 -2.47
CA GLN D 95 15.15 21.14 -3.17
C GLN D 95 16.37 20.47 -2.60
N SER D 96 17.29 20.11 -3.48
CA SER D 96 18.54 19.51 -3.04
C SER D 96 19.72 20.20 -3.73
N THR D 97 19.49 21.42 -4.20
CA THR D 97 20.54 22.19 -4.85
C THR D 97 21.49 22.72 -3.77
N HIS D 98 20.91 23.20 -2.68
CA HIS D 98 21.65 23.92 -1.65
C HIS D 98 21.38 23.31 -0.28
N PHE D 99 22.45 23.18 0.51
CA PHE D 99 22.34 22.78 1.92
C PHE D 99 22.02 24.00 2.76
N PRO D 100 21.19 23.84 3.80
CA PRO D 100 20.46 22.63 4.15
C PRO D 100 19.30 22.41 3.18
N PHE D 101 18.99 21.14 2.89
CA PHE D 101 17.89 20.78 2.03
C PHE D 101 16.61 21.22 2.69
N THR D 102 15.66 21.70 1.89
CA THR D 102 14.42 22.25 2.43
C THR D 102 13.21 21.80 1.64
N PHE D 103 12.04 22.00 2.25
CA PHE D 103 10.76 21.61 1.69
C PHE D 103 9.75 22.74 1.79
N GLY D 104 8.84 22.81 0.83
CA GLY D 104 7.67 23.68 0.94
C GLY D 104 6.80 23.15 2.06
N GLN D 105 5.86 23.96 2.54
CA GLN D 105 5.03 23.57 3.69
C GLN D 105 3.98 22.55 3.32
N GLY D 106 3.74 22.40 2.02
CA GLY D 106 2.88 21.33 1.55
C GLY D 106 1.48 21.77 1.18
N THR D 107 0.97 21.17 0.11
CA THR D 107 -0.40 21.37 -0.38
C THR D 107 -1.23 20.13 -0.11
N LYS D 108 -2.26 20.27 0.71
CA LYS D 108 -3.19 19.17 0.94
C LYS D 108 -4.26 19.13 -0.15
N LEU D 109 -4.31 17.99 -0.84
CA LEU D 109 -5.27 17.79 -1.89
C LEU D 109 -6.29 16.78 -1.41
N GLU D 110 -7.57 17.12 -1.55
CA GLU D 110 -8.67 16.21 -1.20
C GLU D 110 -9.85 16.34 -2.16
N ILE D 111 -10.84 15.45 -1.99
CA ILE D 111 -11.99 15.39 -2.88
C ILE D 111 -12.98 16.55 -2.69
N LYS D 112 -13.26 17.27 -3.76
CA LYS D 112 -14.41 18.19 -3.76
C LYS D 112 -15.69 17.45 -4.07
N ARG D 113 -16.70 17.77 -3.30
CA ARG D 113 -18.04 17.24 -3.50
C ARG D 113 -19.06 18.34 -3.22
N THR D 114 -20.35 18.00 -3.28
CA THR D 114 -21.39 18.96 -2.98
C THR D 114 -21.42 19.25 -1.50
N VAL D 115 -21.81 20.46 -1.14
CA VAL D 115 -21.98 20.84 0.25
C VAL D 115 -23.02 19.93 0.92
N ALA D 116 -22.68 19.45 2.12
CA ALA D 116 -23.66 18.73 2.94
C ALA D 116 -23.59 19.18 4.39
N ALA D 117 -24.76 19.31 4.98
CA ALA D 117 -24.94 19.75 6.37
C ALA D 117 -24.68 18.62 7.34
N PRO D 118 -24.18 18.94 8.55
CA PRO D 118 -23.98 17.89 9.54
C PRO D 118 -25.28 17.39 10.14
N SER D 119 -25.24 16.18 10.70
CA SER D 119 -26.21 15.79 11.69
C SER D 119 -25.54 16.08 13.01
N VAL D 120 -26.22 16.87 13.84
CA VAL D 120 -25.67 17.31 15.10
C VAL D 120 -26.33 16.54 16.22
N PHE D 121 -25.50 15.98 17.11
CA PHE D 121 -25.97 15.26 18.29
C PHE D 121 -25.23 15.80 19.51
N ILE D 122 -25.90 15.74 20.66
CA ILE D 122 -25.30 16.20 21.92
C ILE D 122 -25.40 15.10 22.96
N PHE D 123 -24.34 14.97 23.75
CA PHE D 123 -24.24 13.91 24.77
C PHE D 123 -23.90 14.50 26.14
N PRO D 124 -24.77 14.26 27.13
CA PRO D 124 -24.46 14.65 28.49
C PRO D 124 -23.35 13.78 29.07
N PRO D 125 -22.70 14.24 30.16
CA PRO D 125 -21.82 13.34 30.89
C PRO D 125 -22.61 12.19 31.50
N SER D 126 -21.99 11.01 31.44
CA SER D 126 -22.50 9.81 32.06
C SER D 126 -22.47 9.94 33.59
N ASP D 127 -23.35 9.20 34.25
CA ASP D 127 -23.37 9.11 35.71
C ASP D 127 -22.00 8.74 36.26
N GLU D 128 -21.36 7.77 35.61
CA GLU D 128 -20.08 7.22 36.04
C GLU D 128 -18.94 8.23 36.08
N GLN D 129 -18.85 9.09 35.06
CA GLN D 129 -17.81 10.13 35.03
C GLN D 129 -18.01 11.17 36.14
N LEU D 130 -19.28 11.47 36.43
CA LEU D 130 -19.63 12.37 37.52
C LEU D 130 -19.21 11.81 38.88
N LYS D 131 -19.47 10.52 39.08
CA LYS D 131 -18.97 9.76 40.24
C LYS D 131 -17.45 9.88 40.46
N SER D 132 -16.74 10.55 39.55
CA SER D 132 -15.29 10.76 39.73
C SER D 132 -14.92 12.23 39.89
N GLY D 133 -15.90 13.12 39.77
CA GLY D 133 -15.68 14.55 40.02
C GLY D 133 -15.38 15.44 38.82
N THR D 134 -15.58 14.92 37.61
CA THR D 134 -15.43 15.74 36.41
C THR D 134 -16.59 15.58 35.43
N ALA D 135 -16.83 16.63 34.64
CA ALA D 135 -17.93 16.63 33.66
C ALA D 135 -17.50 16.93 32.22
N SER D 136 -17.75 15.98 31.32
CA SER D 136 -17.48 16.19 29.89
C SER D 136 -18.76 16.12 29.08
N VAL D 137 -19.04 17.19 28.36
CA VAL D 137 -20.21 17.24 27.49
C VAL D 137 -19.69 17.13 26.08
N VAL D 138 -20.26 16.22 25.30
CA VAL D 138 -19.79 15.97 23.94
C VAL D 138 -20.80 16.38 22.87
N CYS D 139 -20.30 17.07 21.83
CA CYS D 139 -21.10 17.41 20.67
C CYS D 139 -20.55 16.79 19.39
N LEU D 140 -21.40 16.06 18.67
CA LEU D 140 -21.03 15.45 17.39
C LEU D 140 -21.59 16.17 16.16
N LEU D 141 -20.70 16.50 15.22
CA LEU D 141 -21.06 17.02 13.89
C LEU D 141 -20.71 15.95 12.86
N ASN D 142 -21.73 15.22 12.42
CA ASN D 142 -21.52 14.03 11.61
C ASN D 142 -21.71 14.22 10.10
N ASN D 143 -20.74 13.72 9.32
CA ASN D 143 -20.80 13.66 7.86
C ASN D 143 -21.20 14.96 7.19
N PHE D 144 -20.26 15.89 7.12
CA PHE D 144 -20.58 17.17 6.51
C PHE D 144 -19.49 17.60 5.50
N TYR D 145 -19.81 18.60 4.69
CA TYR D 145 -18.86 19.12 3.73
C TYR D 145 -19.22 20.55 3.41
N PRO D 146 -18.22 21.46 3.36
CA PRO D 146 -16.78 21.25 3.54
C PRO D 146 -16.29 21.20 5.02
N ARG D 147 -14.96 21.20 5.23
CA ARG D 147 -14.36 21.04 6.57
C ARG D 147 -14.80 22.16 7.52
N GLU D 148 -14.61 23.40 7.07
CA GLU D 148 -14.96 24.63 7.80
C GLU D 148 -16.30 24.54 8.55
N ALA D 149 -16.23 24.71 9.86
CA ALA D 149 -17.41 24.60 10.73
C ALA D 149 -17.17 25.35 12.06
N LYS D 150 -18.25 25.67 12.78
CA LYS D 150 -18.10 26.45 14.00
C LYS D 150 -18.99 25.86 15.07
N VAL D 151 -18.37 25.45 16.17
CA VAL D 151 -19.08 24.97 17.32
C VAL D 151 -19.00 26.06 18.38
N GLN D 152 -20.16 26.44 18.89
CA GLN D 152 -20.23 27.39 19.98
C GLN D 152 -20.97 26.70 21.12
N TRP D 153 -20.29 26.53 22.24
CA TRP D 153 -20.87 25.98 23.45
C TRP D 153 -21.54 27.10 24.23
N LYS D 154 -22.68 26.78 24.85
CA LYS D 154 -23.42 27.74 25.66
C LYS D 154 -23.96 27.05 26.89
N VAL D 155 -23.72 27.68 28.03
CA VAL D 155 -24.25 27.23 29.30
C VAL D 155 -25.23 28.30 29.80
N ASP D 156 -26.47 27.88 30.03
CA ASP D 156 -27.60 28.79 30.26
C ASP D 156 -27.54 30.05 29.38
N ASN D 157 -27.33 29.84 28.08
CA ASN D 157 -27.29 30.91 27.07
C ASN D 157 -26.01 31.75 27.04
N ALA D 158 -25.12 31.55 28.03
CA ALA D 158 -23.84 32.25 28.05
C ALA D 158 -22.78 31.51 27.23
N LEU D 159 -22.12 32.23 26.32
CA LEU D 159 -21.17 31.66 25.37
C LEU D 159 -19.86 31.28 26.04
N GLN D 160 -19.46 30.01 25.89
CA GLN D 160 -18.20 29.54 26.46
C GLN D 160 -17.01 29.90 25.58
N SER D 161 -15.84 30.04 26.20
CA SER D 161 -14.58 30.02 25.42
C SER D 161 -13.37 29.63 26.28
N GLY D 162 -12.51 28.80 25.69
CA GLY D 162 -11.30 28.29 26.34
C GLY D 162 -11.45 26.89 26.92
N ASN D 163 -12.68 26.53 27.31
CA ASN D 163 -12.96 25.27 28.03
C ASN D 163 -13.52 24.14 27.18
N SER D 164 -13.26 24.19 25.88
CA SER D 164 -13.64 23.10 24.98
C SER D 164 -12.49 22.74 24.07
N GLN D 165 -12.46 21.49 23.63
CA GLN D 165 -11.50 21.07 22.59
C GLN D 165 -12.17 20.37 21.44
N GLU D 166 -11.55 20.46 20.27
CA GLU D 166 -12.10 19.92 19.02
C GLU D 166 -11.17 18.97 18.30
N SER D 167 -11.77 17.95 17.70
CA SER D 167 -11.08 17.01 16.83
C SER D 167 -11.93 16.76 15.58
N VAL D 168 -11.29 16.65 14.42
CA VAL D 168 -11.99 16.35 13.13
C VAL D 168 -11.39 15.15 12.38
N THR D 169 -12.22 14.23 11.90
CA THR D 169 -11.71 13.09 11.10
C THR D 169 -11.16 13.55 9.77
N GLU D 170 -10.35 12.70 9.16
CA GLU D 170 -9.92 12.91 7.80
C GLU D 170 -11.06 12.56 6.84
N GLN D 171 -10.99 13.04 5.60
CA GLN D 171 -12.03 12.82 4.61
C GLN D 171 -12.45 11.36 4.40
N ASP D 172 -13.74 11.08 4.53
CA ASP D 172 -14.25 9.73 4.28
C ASP D 172 -13.99 9.31 2.84
N SER D 173 -13.61 8.05 2.65
CA SER D 173 -13.22 7.56 1.35
C SER D 173 -14.43 7.20 0.50
N LYS D 174 -15.55 6.91 1.16
CA LYS D 174 -16.80 6.62 0.47
C LYS D 174 -17.59 7.87 0.09
N ASP D 175 -17.88 8.75 1.06
CA ASP D 175 -18.76 9.91 0.80
C ASP D 175 -18.06 11.26 0.76
N SER D 176 -16.74 11.27 0.95
CA SER D 176 -15.96 12.50 0.93
C SER D 176 -16.33 13.54 1.99
N THR D 177 -16.96 13.11 3.08
CA THR D 177 -17.29 14.04 4.17
C THR D 177 -16.30 14.00 5.35
N TYR D 178 -16.53 14.92 6.30
CA TYR D 178 -15.79 15.00 7.53
C TYR D 178 -16.75 14.82 8.68
N SER D 179 -16.18 14.50 9.84
CA SER D 179 -16.89 14.57 11.10
C SER D 179 -16.03 15.31 12.16
N LEU D 180 -16.67 15.75 13.23
CA LEU D 180 -16.01 16.55 14.24
C LEU D 180 -16.64 16.27 15.58
N SER D 181 -15.82 16.07 16.61
CA SER D 181 -16.34 16.10 17.98
C SER D 181 -15.69 17.19 18.82
N SER D 182 -16.56 17.85 19.59
CA SER D 182 -16.18 18.90 20.53
C SER D 182 -16.54 18.43 21.93
N THR D 183 -15.59 18.61 22.85
CA THR D 183 -15.80 18.21 24.23
C THR D 183 -15.65 19.44 25.12
N LEU D 184 -16.72 19.76 25.84
CA LEU D 184 -16.67 20.81 26.86
C LEU D 184 -16.35 20.13 28.18
N THR D 185 -15.34 20.64 28.89
CA THR D 185 -14.99 20.03 30.18
C THR D 185 -15.20 21.01 31.33
N LEU D 186 -15.84 20.51 32.38
CA LEU D 186 -16.14 21.28 33.56
C LEU D 186 -15.92 20.43 34.80
N SER D 187 -15.65 21.09 35.92
CA SER D 187 -15.68 20.43 37.21
C SER D 187 -17.14 20.13 37.52
N LYS D 188 -17.40 19.05 38.24
CA LYS D 188 -18.75 18.67 38.63
C LYS D 188 -19.49 19.87 39.24
N ALA D 189 -18.87 20.51 40.22
CA ALA D 189 -19.46 21.70 40.88
C ALA D 189 -20.10 22.67 39.87
N ASP D 190 -19.31 23.13 38.90
CA ASP D 190 -19.79 24.09 37.90
C ASP D 190 -20.87 23.51 37.01
N TYR D 191 -20.82 22.21 36.77
CA TYR D 191 -21.77 21.53 35.91
C TYR D 191 -23.11 21.47 36.64
N GLU D 192 -23.07 21.14 37.93
CA GLU D 192 -24.27 21.02 38.76
C GLU D 192 -24.81 22.39 39.19
N LYS D 193 -24.27 23.44 38.59
CA LYS D 193 -24.59 24.82 38.95
C LYS D 193 -25.34 25.51 37.78
N HIS D 194 -25.62 24.76 36.72
CA HIS D 194 -26.37 25.27 35.57
C HIS D 194 -27.36 24.22 35.04
N LYS D 195 -28.30 24.65 34.18
CA LYS D 195 -29.29 23.71 33.61
C LYS D 195 -29.18 23.48 32.09
N VAL D 196 -29.00 24.54 31.32
CA VAL D 196 -29.12 24.48 29.86
C VAL D 196 -27.77 24.31 29.16
N TYR D 197 -27.54 23.11 28.64
CA TYR D 197 -26.32 22.86 27.87
C TYR D 197 -26.63 22.76 26.39
N ALA D 198 -26.01 23.67 25.65
CA ALA D 198 -26.30 23.83 24.24
C ALA D 198 -25.06 23.78 23.37
N CYS D 199 -25.21 23.12 22.23
CA CYS D 199 -24.20 23.10 21.18
C CYS D 199 -24.80 23.82 19.97
N GLU D 200 -24.16 24.93 19.58
CA GLU D 200 -24.62 25.72 18.44
C GLU D 200 -23.65 25.61 17.26
N VAL D 201 -24.16 25.05 16.17
CA VAL D 201 -23.34 24.68 15.02
C VAL D 201 -23.57 25.57 13.82
N THR D 202 -22.48 26.10 13.28
CA THR D 202 -22.51 27.04 12.17
C THR D 202 -21.73 26.48 10.97
N HIS D 203 -22.47 26.16 9.91
CA HIS D 203 -21.93 25.48 8.73
C HIS D 203 -22.63 25.93 7.45
N GLN D 204 -21.90 25.92 6.34
CA GLN D 204 -22.40 26.33 5.03
C GLN D 204 -23.66 25.58 4.58
N GLY D 205 -23.78 24.32 5.00
CA GLY D 205 -24.91 23.49 4.60
C GLY D 205 -26.18 23.75 5.36
N LEU D 206 -26.08 24.54 6.43
CA LEU D 206 -27.25 24.97 7.21
C LEU D 206 -27.61 26.40 6.85
N SER D 207 -28.90 26.68 6.68
CA SER D 207 -29.33 28.05 6.33
C SER D 207 -29.12 29.01 7.50
N SER D 208 -29.32 28.51 8.71
CA SER D 208 -28.93 29.26 9.91
C SER D 208 -28.44 28.29 10.99
N PRO D 209 -27.65 28.79 11.98
CA PRO D 209 -27.11 27.95 13.04
C PRO D 209 -28.13 27.01 13.69
N VAL D 210 -27.75 25.75 13.83
CA VAL D 210 -28.58 24.75 14.49
C VAL D 210 -28.06 24.55 15.90
N THR D 211 -28.99 24.27 16.81
CA THR D 211 -28.69 24.09 18.20
C THR D 211 -29.34 22.83 18.69
N LYS D 212 -28.50 21.91 19.17
CA LYS D 212 -28.94 20.77 19.94
C LYS D 212 -28.56 21.05 21.38
N SER D 213 -29.45 20.68 22.29
CA SER D 213 -29.31 21.04 23.70
C SER D 213 -30.03 20.08 24.63
N PHE D 214 -29.66 20.13 25.90
CA PHE D 214 -30.33 19.34 26.94
C PHE D 214 -30.36 20.10 28.26
N ASN D 215 -31.26 19.68 29.13
CA ASN D 215 -31.35 20.21 30.48
C ASN D 215 -30.91 19.15 31.48
N ARG D 216 -29.95 19.53 32.33
CA ARG D 216 -29.28 18.62 33.27
C ARG D 216 -30.19 17.57 33.96
N GLY D 217 -29.86 16.30 33.75
CA GLY D 217 -30.61 15.18 34.36
C GLY D 217 -32.06 15.04 33.92
N GLU D 218 -32.27 14.53 32.72
CA GLU D 218 -33.61 14.20 32.22
C GLU D 218 -33.60 12.87 31.45
C1 18L E . -5.06 -18.53 18.73
O1 18L E . -8.13 -18.46 18.86
P1 18L E . -7.33 -19.38 19.74
C2 18L E . -3.84 -19.09 18.03
O2 18L E . -6.96 -18.68 21.02
C3 18L E . -4.23 -19.84 16.77
O3 18L E . -7.84 -20.78 19.85
C4 18L E . -3.11 -21.38 15.18
O4 18L E . -5.95 -19.61 18.98
C5 18L E . -1.98 -22.39 14.98
O5 18L E . -2.97 -18.01 17.65
C6 18L E . -1.11 -22.57 16.21
O6 18L E . -3.04 -20.38 16.23
C7 18L E . 0.01 -23.59 15.99
O7 18L E . -4.09 -21.35 14.47
C8 18L E . 0.75 -23.85 17.29
C9 18L E . 1.99 -24.73 17.12
C10 18L E . 3.16 -24.25 17.98
C11 18L E . 3.84 -25.41 18.70
C12 18L E . 5.14 -24.98 19.35
C13 18L E . 5.51 -25.29 20.61
C14 18L E . 4.71 -26.09 21.62
C15 18L E . 3.64 -25.26 22.31
C16 18L E . 3.60 -24.85 23.60
C17 18L E . 4.66 -25.12 24.64
C18 18L E . 5.23 -23.80 25.18
C19 18L E . 6.72 -23.64 24.83
C20 18L E . 7.53 -23.15 26.03
C21 18L E . 8.51 -22.06 25.61
C1 18L F . 22.43 12.89 -8.99
O1 18L F . 21.19 14.39 -11.54
P1 18L F . 22.66 14.31 -11.21
C2 18L F . 22.42 13.07 -7.47
O2 18L F . 23.36 13.11 -11.81
C3 18L F . 21.55 14.25 -7.08
O3 18L F . 23.42 15.59 -11.39
C4 18L F . 21.28 15.55 -4.92
O4 18L F . 22.77 14.12 -9.61
C5 18L F . 22.01 15.92 -3.66
O5 18L F . 21.93 11.89 -6.83
C6 18L F . 23.42 15.34 -3.61
O6 18L F . 21.67 14.37 -5.66
C7 18L F . 23.92 15.30 -2.18
O7 18L F . 20.33 16.20 -5.33
C8 18L F . 25.44 15.17 -2.05
C9 18L F . 25.87 15.50 -0.62
C10 18L F . 27.37 15.40 -0.37
C11 18L F . 27.78 14.00 0.04
C12 18L F . 28.88 14.08 1.09
C13 18L F . 30.04 13.42 1.10
C14 18L F . 30.54 12.44 0.06
C15 18L F . 31.53 13.12 -0.87
C16 18L F . 32.86 12.94 -0.85
C17 18L F . 33.59 12.04 0.14
C18 18L F . 34.76 12.81 0.74
C19 18L F . 34.34 13.75 1.86
C20 18L F . 35.06 13.44 3.17
C21 18L F . 34.13 13.60 4.35
#